data_5WRQ
#
_entry.id   5WRQ
#
_cell.length_a   48.340
_cell.length_b   92.360
_cell.length_c   163.440
_cell.angle_alpha   90.00
_cell.angle_beta   90.00
_cell.angle_gamma   90.00
#
_symmetry.space_group_name_H-M   'P 21 21 21'
#
loop_
_entity.id
_entity.type
_entity.pdbx_description
1 polymer 'Poly [ADP-ribose] polymerase 1'
2 non-polymer 5-[[2,4-bis(oxidanylidene)quinazolin-1-yl]methyl]-2-fluoranyl-N-[(3R)-1-(3-methylbutyl)pyrrolidin-3-yl]benzamide
#
_entity_poly.entity_id   1
_entity_poly.type   'polypeptide(L)'
_entity_poly.pdbx_seq_one_letter_code
;HMKSKLPKPVQDLIKMIFDVESMKKAMVEYEIDLQKMPLGKLSKRQIQAAYSILSEVQQAVSQGSSDSQILDLSNRFYTL
IPHDFGMKKPPLLNNADSVQAKAEMLDNLLDIEVAYSLLRGGSDDSSKDPIDVNYEKLKTDIKVVDRDSEEAEIIRKYVK
NTHATTHNAYDLEVIDIFKIEREGECQRYKPFKQLHNRRLLWHGSRTTNFAGILSQGLRIAPPEAPVTGYMFGKGIYFAD
MVSKSANYCHTSQGDPIGLILLGEVALGNMYELKHASHISKLPKGKHSVKGLGKTTPDPSANISLDGVDVPLGTGISSGV
NDTSLLYNEYIVYDIAQVNLKYLLKLKFNFKT
;
_entity_poly.pdbx_strand_id   A,B
#
loop_
_chem_comp.id
_chem_comp.type
_chem_comp.name
_chem_comp.formula
7TX non-polymer 5-[[2,4-bis(oxidanylidene)quinazolin-1-yl]methyl]-2-fluoranyl-N-[(3R)-1-(3-methylbutyl)pyrrolidin-3-yl]benzamide 'C25 H29 F N4 O3'
#
# COMPACT_ATOMS: atom_id res chain seq x y z
N HIS A 1 -48.55 -15.47 22.64
CA HIS A 1 -47.27 -15.88 23.29
C HIS A 1 -47.09 -15.22 24.66
N MET A 2 -46.05 -15.66 25.39
CA MET A 2 -45.78 -15.22 26.77
C MET A 2 -45.61 -13.70 26.96
N LYS A 3 -45.11 -13.01 25.93
CA LYS A 3 -45.01 -11.53 25.83
C LYS A 3 -43.61 -10.95 26.15
N SER A 4 -42.68 -11.78 26.61
CA SER A 4 -41.25 -11.44 26.78
C SER A 4 -40.94 -10.49 27.93
N LYS A 5 -40.14 -10.97 28.88
CA LYS A 5 -39.76 -10.21 30.08
C LYS A 5 -38.40 -9.51 29.96
N LEU A 6 -37.85 -9.42 28.75
CA LEU A 6 -36.63 -8.64 28.49
C LEU A 6 -36.92 -7.14 28.67
N PRO A 7 -35.91 -6.36 29.10
CA PRO A 7 -36.08 -4.89 29.14
C PRO A 7 -36.40 -4.28 27.78
N LYS A 8 -37.12 -3.16 27.77
CA LYS A 8 -37.61 -2.56 26.52
C LYS A 8 -36.49 -2.13 25.55
N PRO A 9 -35.39 -1.55 26.08
CA PRO A 9 -34.23 -1.26 25.23
C PRO A 9 -33.64 -2.50 24.52
N VAL A 10 -33.58 -3.63 25.24
CA VAL A 10 -33.07 -4.89 24.67
C VAL A 10 -34.02 -5.43 23.59
N GLN A 11 -35.33 -5.27 23.79
CA GLN A 11 -36.32 -5.72 22.80
C GLN A 11 -36.28 -4.91 21.50
N ASP A 12 -36.13 -3.59 21.63
CA ASP A 12 -35.98 -2.70 20.47
C ASP A 12 -34.69 -2.95 19.70
N LEU A 13 -33.62 -3.29 20.43
CA LEU A 13 -32.33 -3.68 19.82
C LEU A 13 -32.49 -4.92 18.93
N ILE A 14 -33.16 -5.95 19.45
CA ILE A 14 -33.40 -7.20 18.72
C ILE A 14 -34.23 -6.98 17.46
N LYS A 15 -35.30 -6.18 17.56
CA LYS A 15 -36.11 -5.78 16.39
C LYS A 15 -35.26 -5.10 15.32
N MET A 16 -34.39 -4.19 15.78
CA MET A 16 -33.53 -3.38 14.90
C MET A 16 -32.61 -4.26 14.06
N ILE A 17 -31.82 -5.10 14.74
CA ILE A 17 -30.76 -5.86 14.08
C ILE A 17 -31.25 -7.05 13.26
N PHE A 18 -32.38 -7.63 13.65
CA PHE A 18 -33.01 -8.73 12.88
C PHE A 18 -34.09 -8.26 11.88
N ASP A 19 -34.12 -6.96 11.57
CA ASP A 19 -35.10 -6.42 10.61
C ASP A 19 -34.76 -6.88 9.18
N VAL A 20 -35.69 -7.60 8.56
CA VAL A 20 -35.48 -8.21 7.24
C VAL A 20 -35.47 -7.16 6.13
N GLU A 21 -36.38 -6.19 6.20
CA GLU A 21 -36.45 -5.12 5.21
C GLU A 21 -35.21 -4.22 5.22
N SER A 22 -34.61 -4.03 6.39
CA SER A 22 -33.36 -3.28 6.52
C SER A 22 -32.18 -3.98 5.82
N MET A 23 -32.16 -5.31 5.89
CA MET A 23 -31.15 -6.11 5.18
C MET A 23 -31.31 -5.95 3.66
N LYS A 24 -32.55 -5.98 3.17
CA LYS A 24 -32.85 -5.71 1.77
C LYS A 24 -32.49 -4.29 1.37
N LYS A 25 -32.84 -3.32 2.22
CA LYS A 25 -32.45 -1.92 2.04
C LYS A 25 -30.94 -1.74 1.98
N ALA A 26 -30.21 -2.50 2.79
CA ALA A 26 -28.74 -2.47 2.76
C ALA A 26 -28.20 -3.04 1.45
N MET A 27 -28.77 -4.14 0.98
CA MET A 27 -28.30 -4.78 -0.26
C MET A 27 -28.47 -3.89 -1.50
N VAL A 28 -29.63 -3.25 -1.62
CA VAL A 28 -29.87 -2.30 -2.72
C VAL A 28 -28.97 -1.04 -2.65
N GLU A 29 -28.53 -0.65 -1.46
CA GLU A 29 -27.51 0.42 -1.33
C GLU A 29 -26.19 0.09 -2.03
N TYR A 30 -25.86 -1.20 -2.08
CA TYR A 30 -24.68 -1.68 -2.82
C TYR A 30 -24.99 -2.02 -4.29
N GLU A 31 -26.17 -1.65 -4.77
CA GLU A 31 -26.61 -1.84 -6.15
C GLU A 31 -26.74 -3.32 -6.54
N ILE A 32 -27.15 -4.16 -5.59
CA ILE A 32 -27.39 -5.59 -5.84
C ILE A 32 -28.84 -5.77 -6.31
N ASP A 33 -29.05 -6.70 -7.24
CA ASP A 33 -30.38 -7.03 -7.74
C ASP A 33 -31.02 -8.13 -6.90
N LEU A 34 -32.05 -7.76 -6.13
CA LEU A 34 -32.79 -8.71 -5.29
C LEU A 34 -33.70 -9.66 -6.10
N GLN A 35 -34.01 -9.29 -7.34
CA GLN A 35 -34.71 -10.18 -8.28
C GLN A 35 -33.86 -11.42 -8.59
N LYS A 36 -32.60 -11.20 -8.94
CA LYS A 36 -31.67 -12.28 -9.31
C LYS A 36 -30.94 -12.87 -8.10
N MET A 37 -30.51 -12.00 -7.19
CA MET A 37 -29.80 -12.42 -5.97
C MET A 37 -30.55 -11.89 -4.75
N PRO A 38 -31.67 -12.55 -4.38
CA PRO A 38 -32.39 -12.17 -3.16
C PRO A 38 -31.66 -12.58 -1.88
N LEU A 39 -32.22 -12.16 -0.76
CA LEU A 39 -31.63 -12.38 0.56
C LEU A 39 -31.56 -13.87 0.92
N GLY A 40 -32.58 -14.63 0.53
CA GLY A 40 -32.62 -16.08 0.75
C GLY A 40 -31.57 -16.90 0.00
N LYS A 41 -31.28 -16.48 -1.25
CA LYS A 41 -30.27 -17.17 -2.08
C LYS A 41 -28.80 -16.84 -1.71
N LEU A 42 -28.59 -15.91 -0.79
CA LEU A 42 -27.24 -15.48 -0.39
C LEU A 42 -26.52 -16.59 0.37
N SER A 43 -25.23 -16.78 0.09
CA SER A 43 -24.42 -17.81 0.76
C SER A 43 -22.93 -17.46 0.79
N LYS A 44 -22.21 -18.14 1.69
CA LYS A 44 -20.78 -17.87 1.93
C LYS A 44 -19.89 -18.21 0.74
N ARG A 45 -20.14 -19.34 0.08
CA ARG A 45 -19.31 -19.80 -1.04
C ARG A 45 -19.44 -18.91 -2.28
N GLN A 46 -20.61 -18.32 -2.45
CA GLN A 46 -20.83 -17.29 -3.50
C GLN A 46 -20.06 -16.01 -3.18
N ILE A 47 -20.05 -15.60 -1.92
CA ILE A 47 -19.34 -14.41 -1.47
C ILE A 47 -17.82 -14.60 -1.53
N GLN A 48 -17.35 -15.77 -1.11
CA GLN A 48 -15.93 -16.13 -1.21
C GLN A 48 -15.45 -16.24 -2.66
N ALA A 49 -16.30 -16.81 -3.52
CA ALA A 49 -16.02 -16.87 -4.96
C ALA A 49 -15.89 -15.47 -5.55
N ALA A 50 -16.79 -14.57 -5.14
CA ALA A 50 -16.78 -13.18 -5.59
C ALA A 50 -15.52 -12.45 -5.10
N TYR A 51 -15.18 -12.66 -3.83
CA TYR A 51 -13.92 -12.18 -3.27
C TYR A 51 -12.72 -12.56 -4.15
N SER A 52 -12.68 -13.82 -4.59
CA SER A 52 -11.59 -14.34 -5.44
C SER A 52 -11.51 -13.67 -6.80
N ILE A 53 -12.66 -13.41 -7.43
CA ILE A 53 -12.70 -12.67 -8.69
C ILE A 53 -12.24 -11.23 -8.46
N LEU A 54 -12.58 -10.67 -7.31
CA LEU A 54 -12.12 -9.33 -6.92
C LEU A 54 -10.59 -9.31 -6.69
N SER A 55 -10.04 -10.41 -6.18
CA SER A 55 -8.59 -10.60 -6.09
C SER A 55 -7.89 -10.67 -7.46
N GLU A 56 -8.59 -11.19 -8.47
CA GLU A 56 -8.08 -11.20 -9.84
C GLU A 56 -8.09 -9.81 -10.49
N VAL A 57 -9.12 -9.01 -10.17
CA VAL A 57 -9.21 -7.62 -10.63
C VAL A 57 -8.09 -6.80 -9.98
N GLN A 58 -7.85 -7.04 -8.68
CA GLN A 58 -6.69 -6.49 -7.96
C GLN A 58 -5.37 -6.76 -8.70
N GLN A 59 -5.19 -7.99 -9.15
CA GLN A 59 -3.98 -8.43 -9.86
C GLN A 59 -3.75 -7.65 -11.16
N ALA A 60 -4.80 -7.53 -11.97
CA ALA A 60 -4.73 -6.82 -13.25
C ALA A 60 -4.54 -5.31 -13.10
N VAL A 61 -5.13 -4.72 -12.06
CA VAL A 61 -4.97 -3.29 -11.75
C VAL A 61 -3.53 -2.98 -11.33
N SER A 62 -2.94 -3.85 -10.50
CA SER A 62 -1.57 -3.68 -10.02
C SER A 62 -0.49 -3.85 -11.10
N GLN A 63 -0.82 -4.48 -12.23
CA GLN A 63 0.13 -4.65 -13.34
C GLN A 63 -0.34 -4.01 -14.66
N GLY A 64 -1.27 -3.05 -14.59
CA GLY A 64 -1.73 -2.32 -15.77
C GLY A 64 -2.47 -3.18 -16.78
N SER A 66 -4.78 -3.36 -19.10
CA SER A 66 -5.60 -2.76 -20.15
C SER A 66 -7.09 -2.92 -19.86
N ASP A 67 -7.89 -2.06 -20.47
CA ASP A 67 -9.37 -2.15 -20.36
C ASP A 67 -9.96 -3.35 -21.12
N SER A 68 -9.19 -3.98 -22.01
CA SER A 68 -9.63 -5.20 -22.72
C SER A 68 -9.74 -6.41 -21.79
N GLN A 69 -8.68 -6.68 -21.03
CA GLN A 69 -8.68 -7.83 -20.10
C GLN A 69 -9.47 -7.56 -18.83
N ILE A 70 -9.40 -6.31 -18.33
CA ILE A 70 -10.19 -5.87 -17.17
C ILE A 70 -11.69 -6.11 -17.37
N LEU A 71 -12.18 -5.88 -18.59
CA LEU A 71 -13.59 -6.12 -18.96
C LEU A 71 -14.05 -7.55 -18.61
N ASP A 72 -13.22 -8.52 -18.96
CA ASP A 72 -13.52 -9.93 -18.71
C ASP A 72 -13.57 -10.24 -17.21
N LEU A 73 -12.60 -9.74 -16.46
CA LEU A 73 -12.52 -9.93 -15.01
C LEU A 73 -13.64 -9.19 -14.27
N SER A 74 -13.96 -7.98 -14.75
CA SER A 74 -15.06 -7.18 -14.21
C SER A 74 -16.43 -7.85 -14.38
N ASN A 75 -16.67 -8.42 -15.56
CA ASN A 75 -17.94 -9.12 -15.85
C ASN A 75 -18.12 -10.42 -15.05
N ARG A 76 -17.04 -11.14 -14.81
CA ARG A 76 -17.09 -12.36 -14.01
C ARG A 76 -17.47 -12.08 -12.55
N PHE A 77 -17.11 -10.90 -12.05
CA PHE A 77 -17.55 -10.46 -10.73
C PHE A 77 -19.06 -10.24 -10.70
N TYR A 78 -19.58 -9.52 -11.69
CA TYR A 78 -21.02 -9.25 -11.81
C TYR A 78 -21.86 -10.51 -12.08
N THR A 79 -21.23 -11.54 -12.64
CA THR A 79 -21.84 -12.87 -12.77
C THR A 79 -22.17 -13.50 -11.42
N LEU A 80 -21.21 -13.45 -10.49
CA LEU A 80 -21.36 -14.08 -9.18
C LEU A 80 -22.27 -13.31 -8.22
N ILE A 81 -22.10 -11.99 -8.18
CA ILE A 81 -22.97 -11.10 -7.42
C ILE A 81 -23.73 -10.19 -8.40
N PRO A 82 -24.97 -10.58 -8.80
CA PRO A 82 -25.78 -9.78 -9.71
C PRO A 82 -26.09 -8.37 -9.23
N HIS A 83 -25.91 -7.39 -10.11
CA HIS A 83 -26.22 -5.99 -9.82
C HIS A 83 -27.39 -5.49 -10.67
N ASP A 84 -28.08 -4.48 -10.17
CA ASP A 84 -29.30 -3.97 -10.81
C ASP A 84 -28.99 -2.82 -11.76
N PHE A 85 -28.75 -3.16 -13.03
CA PHE A 85 -28.49 -2.19 -14.09
C PHE A 85 -29.38 -2.36 -15.36
N GLY A 86 -30.36 -3.27 -15.33
CA GLY A 86 -31.25 -3.50 -16.47
C GLY A 86 -30.59 -4.27 -17.61
N MET A 87 -30.72 -3.76 -18.83
CA MET A 87 -29.96 -4.26 -20.01
C MET A 87 -28.68 -3.44 -20.25
N LYS A 88 -28.29 -2.69 -19.21
CA LYS A 88 -26.91 -2.41 -18.81
C LYS A 88 -25.76 -2.17 -19.80
N LYS A 89 -24.74 -3.05 -19.79
CA LYS A 89 -23.32 -2.66 -19.77
C LYS A 89 -23.04 -2.03 -18.40
N PRO A 90 -22.66 -2.85 -17.40
CA PRO A 90 -22.40 -2.31 -16.05
C PRO A 90 -21.10 -1.50 -15.98
N PRO A 91 -20.90 -0.72 -14.90
CA PRO A 91 -19.70 0.09 -14.79
C PRO A 91 -18.44 -0.76 -14.60
N LEU A 92 -17.37 -0.39 -15.29
CA LEU A 92 -16.12 -1.16 -15.31
C LEU A 92 -15.39 -1.05 -13.96
N LEU A 93 -14.94 -2.19 -13.44
CA LEU A 93 -14.14 -2.25 -12.23
C LEU A 93 -12.66 -2.22 -12.64
N ASN A 94 -12.08 -1.03 -12.68
CA ASN A 94 -10.74 -0.81 -13.27
C ASN A 94 -9.70 -0.13 -12.37
N ASN A 95 -10.04 0.13 -11.11
CA ASN A 95 -9.17 0.88 -10.19
C ASN A 95 -9.19 0.34 -8.76
N ALA A 96 -8.32 0.89 -7.91
CA ALA A 96 -8.25 0.52 -6.50
C ALA A 96 -9.53 0.86 -5.72
N ASP A 97 -10.20 1.95 -6.10
CA ASP A 97 -11.46 2.37 -5.45
C ASP A 97 -12.59 1.38 -5.69
N SER A 98 -12.68 0.87 -6.93
CA SER A 98 -13.64 -0.17 -7.29
C SER A 98 -13.41 -1.46 -6.51
N VAL A 99 -12.14 -1.80 -6.28
CA VAL A 99 -11.78 -2.99 -5.49
C VAL A 99 -12.15 -2.81 -4.01
N GLN A 100 -11.79 -1.65 -3.44
CA GLN A 100 -12.12 -1.31 -2.05
C GLN A 100 -13.63 -1.26 -1.81
N ALA A 101 -14.36 -0.61 -2.72
CA ALA A 101 -15.81 -0.43 -2.60
C ALA A 101 -16.57 -1.76 -2.61
N LYS A 102 -16.22 -2.65 -3.53
CA LYS A 102 -16.86 -3.97 -3.62
C LYS A 102 -16.37 -4.93 -2.53
N ALA A 103 -15.15 -4.72 -2.02
CA ALA A 103 -14.65 -5.49 -0.87
C ALA A 103 -15.45 -5.18 0.40
N GLU A 104 -15.76 -3.91 0.61
CA GLU A 104 -16.57 -3.46 1.75
C GLU A 104 -18.04 -3.89 1.65
N MET A 105 -18.53 -4.06 0.42
CA MET A 105 -19.86 -4.64 0.19
C MET A 105 -19.88 -6.10 0.61
N LEU A 106 -18.94 -6.88 0.07
CA LEU A 106 -18.83 -8.31 0.40
C LEU A 106 -18.57 -8.52 1.88
N ASP A 107 -17.84 -7.62 2.52
CA ASP A 107 -17.71 -7.59 3.98
C ASP A 107 -19.08 -7.57 4.66
N ASN A 108 -19.93 -6.64 4.22
CA ASN A 108 -21.29 -6.51 4.75
C ASN A 108 -22.20 -7.69 4.41
N LEU A 109 -22.07 -8.25 3.19
CA LEU A 109 -22.88 -9.40 2.77
C LEU A 109 -22.68 -10.64 3.63
N LEU A 110 -21.45 -10.89 4.08
CA LEU A 110 -21.17 -12.02 4.99
C LEU A 110 -21.82 -11.85 6.37
N ASP A 111 -21.87 -10.62 6.87
CA ASP A 111 -22.59 -10.33 8.12
C ASP A 111 -24.11 -10.45 7.96
N ILE A 112 -24.63 -10.03 6.81
CA ILE A 112 -26.07 -10.19 6.50
C ILE A 112 -26.46 -11.66 6.33
N GLU A 113 -25.59 -12.46 5.72
CA GLU A 113 -25.83 -13.90 5.53
C GLU A 113 -25.95 -14.63 6.87
N VAL A 114 -25.12 -14.26 7.84
CA VAL A 114 -25.18 -14.84 9.19
C VAL A 114 -26.50 -14.45 9.88
N ALA A 115 -26.88 -13.17 9.76
CA ALA A 115 -28.12 -12.65 10.35
C ALA A 115 -29.34 -13.41 9.82
N TYR A 116 -29.41 -13.56 8.50
CA TYR A 116 -30.52 -14.24 7.86
C TYR A 116 -30.53 -15.75 8.09
N SER A 117 -29.34 -16.38 8.15
CA SER A 117 -29.24 -17.83 8.41
C SER A 117 -29.67 -18.20 9.83
N LEU A 118 -29.37 -17.33 10.80
CA LEU A 118 -29.92 -17.45 12.14
C LEU A 118 -31.45 -17.31 12.12
N LEU A 119 -31.94 -16.35 11.35
CA LEU A 119 -33.37 -16.09 11.24
C LEU A 119 -34.15 -17.27 10.65
N ARG A 120 -33.64 -17.85 9.56
CA ARG A 120 -34.29 -19.01 8.90
C ARG A 120 -33.73 -20.38 9.32
N GLY A 121 -32.78 -20.40 10.25
CA GLY A 121 -32.36 -21.63 10.92
C GLY A 121 -33.12 -21.79 12.23
N GLY A 122 -32.92 -22.92 12.89
CA GLY A 122 -33.55 -23.17 14.21
C GLY A 122 -35.03 -23.47 14.15
N SER A 123 -35.73 -23.19 15.25
CA SER A 123 -37.09 -23.67 15.48
C SER A 123 -38.16 -22.57 15.45
N ASP A 124 -39.42 -23.01 15.35
CA ASP A 124 -40.58 -22.13 15.18
C ASP A 124 -41.64 -22.47 16.24
N ASP A 125 -41.66 -21.68 17.31
CA ASP A 125 -42.61 -21.84 18.41
C ASP A 125 -43.50 -20.59 18.46
N SER A 126 -44.79 -20.77 18.17
CA SER A 126 -45.77 -19.68 18.23
C SER A 126 -46.11 -19.25 19.66
N SER A 127 -45.90 -20.13 20.63
CA SER A 127 -46.13 -19.83 22.05
C SER A 127 -45.03 -18.97 22.69
N LYS A 128 -43.87 -18.86 22.04
CA LYS A 128 -42.79 -17.97 22.48
C LYS A 128 -42.82 -16.65 21.71
N ASP A 129 -42.38 -15.58 22.37
CA ASP A 129 -42.24 -14.27 21.73
C ASP A 129 -41.03 -14.34 20.81
N PRO A 130 -41.18 -13.99 19.52
CA PRO A 130 -40.01 -14.03 18.62
C PRO A 130 -38.83 -13.12 19.02
N ILE A 131 -39.08 -12.11 19.86
CA ILE A 131 -38.02 -11.27 20.43
C ILE A 131 -37.10 -12.13 21.30
N ASP A 132 -37.68 -12.97 22.15
CA ASP A 132 -36.90 -13.94 22.96
C ASP A 132 -36.20 -14.98 22.10
N VAL A 133 -36.89 -15.49 21.07
CA VAL A 133 -36.34 -16.53 20.20
C VAL A 133 -35.07 -16.04 19.52
N ASN A 134 -35.16 -14.86 18.90
CA ASN A 134 -34.03 -14.26 18.20
C ASN A 134 -32.90 -13.78 19.13
N TYR A 135 -33.26 -13.35 20.34
CA TYR A 135 -32.27 -12.99 21.36
C TYR A 135 -31.37 -14.17 21.73
N GLU A 136 -31.95 -15.36 21.86
CA GLU A 136 -31.19 -16.57 22.21
C GLU A 136 -30.23 -17.02 21.10
N LYS A 137 -30.59 -16.75 19.86
CA LYS A 137 -29.75 -17.10 18.70
C LYS A 137 -28.44 -16.28 18.61
N LEU A 138 -28.39 -15.12 19.26
CA LEU A 138 -27.18 -14.30 19.32
C LEU A 138 -26.11 -14.87 20.25
N LYS A 139 -26.51 -15.72 21.21
CA LYS A 139 -25.59 -16.30 22.20
C LYS A 139 -24.76 -15.22 22.90
N THR A 140 -25.46 -14.16 23.31
CA THR A 140 -24.86 -12.98 23.90
C THR A 140 -25.78 -12.50 25.02
N ASP A 141 -25.21 -12.30 26.21
CA ASP A 141 -25.94 -11.71 27.32
C ASP A 141 -25.92 -10.19 27.16
N ILE A 142 -27.11 -9.60 27.03
CA ILE A 142 -27.26 -8.16 26.85
C ILE A 142 -28.02 -7.61 28.05
N LYS A 143 -27.36 -6.73 28.82
CA LYS A 143 -27.95 -6.07 29.98
C LYS A 143 -27.92 -4.57 29.75
N VAL A 144 -28.97 -3.87 30.20
CA VAL A 144 -29.04 -2.42 30.09
C VAL A 144 -28.22 -1.79 31.22
N VAL A 145 -27.30 -0.90 30.86
CA VAL A 145 -26.48 -0.18 31.83
C VAL A 145 -27.29 0.98 32.43
N ASP A 146 -27.16 1.17 33.74
CA ASP A 146 -27.87 2.21 34.48
C ASP A 146 -27.25 3.58 34.17
N ARG A 147 -28.10 4.56 33.86
CA ARG A 147 -27.64 5.90 33.44
C ARG A 147 -26.88 6.70 34.51
N ASP A 148 -27.06 6.37 35.79
CA ASP A 148 -26.32 7.02 36.88
C ASP A 148 -25.00 6.33 37.28
N SER A 149 -24.70 5.16 36.72
CA SER A 149 -23.50 4.41 37.09
C SER A 149 -22.21 5.10 36.65
N GLU A 150 -21.09 4.71 37.27
CA GLU A 150 -19.77 5.25 36.95
C GLU A 150 -19.36 4.91 35.52
N GLU A 151 -19.57 3.64 35.13
CA GLU A 151 -19.28 3.19 33.76
C GLU A 151 -20.11 3.94 32.70
N ALA A 152 -21.35 4.29 33.02
CA ALA A 152 -22.19 5.10 32.14
C ALA A 152 -21.66 6.54 31.97
N GLU A 153 -21.20 7.14 33.07
CA GLU A 153 -20.60 8.49 33.04
C GLU A 153 -19.31 8.55 32.21
N ILE A 154 -18.47 7.54 32.36
CA ILE A 154 -17.21 7.44 31.59
C ILE A 154 -17.51 7.28 30.10
N ILE A 155 -18.43 6.38 29.77
CA ILE A 155 -18.80 6.09 28.37
C ILE A 155 -19.39 7.32 27.69
N ARG A 156 -20.33 8.00 28.34
CA ARG A 156 -20.92 9.25 27.80
C ARG A 156 -19.86 10.34 27.60
N LYS A 157 -18.89 10.42 28.51
CA LYS A 157 -17.78 11.37 28.41
C LYS A 157 -16.84 11.03 27.24
N TYR A 158 -16.65 9.73 26.98
CA TYR A 158 -15.88 9.24 25.84
C TYR A 158 -16.55 9.63 24.50
N VAL A 159 -17.88 9.54 24.47
CA VAL A 159 -18.67 9.98 23.31
C VAL A 159 -18.59 11.51 23.16
N LYS A 160 -18.74 12.20 24.30
CA LYS A 160 -18.74 13.66 24.36
C LYS A 160 -17.43 14.30 23.91
N ASN A 161 -16.30 13.75 24.39
CA ASN A 161 -14.98 14.37 24.20
C ASN A 161 -14.25 14.04 22.90
N THR A 162 -14.62 12.95 22.23
CA THR A 162 -13.87 12.45 21.07
C THR A 162 -14.62 12.57 19.73
N HIS A 163 -15.56 13.52 19.65
CA HIS A 163 -16.22 13.86 18.40
C HIS A 163 -15.34 14.88 17.69
N ALA A 164 -14.91 14.56 16.47
CA ALA A 164 -13.94 15.39 15.74
C ALA A 164 -14.59 16.59 15.07
N THR A 165 -13.84 17.68 14.94
CA THR A 165 -14.32 18.90 14.29
C THR A 165 -14.66 18.66 12.81
N THR A 166 -13.90 17.81 12.13
CA THR A 166 -14.16 17.47 10.72
C THR A 166 -15.39 16.57 10.50
N HIS A 167 -15.97 16.01 11.57
CA HIS A 167 -17.21 15.24 11.50
C HIS A 167 -18.36 15.96 12.22
N ASN A 168 -18.43 17.29 12.05
CA ASN A 168 -19.46 18.11 12.72
C ASN A 168 -20.74 18.39 11.90
N ALA A 169 -20.96 17.62 10.82
CA ALA A 169 -22.26 17.60 10.14
C ALA A 169 -23.36 16.97 11.00
N TYR A 170 -22.98 16.20 12.02
CA TYR A 170 -23.91 15.68 13.02
C TYR A 170 -23.30 15.76 14.44
N ASP A 171 -24.16 15.58 15.44
CA ASP A 171 -23.69 15.18 16.77
C ASP A 171 -24.55 14.06 17.34
N LEU A 172 -24.05 13.42 18.40
CA LEU A 172 -24.59 12.15 18.88
C LEU A 172 -25.19 12.28 20.28
N GLU A 173 -26.40 11.74 20.45
CA GLU A 173 -26.95 11.48 21.79
C GLU A 173 -26.86 9.98 22.02
N VAL A 174 -26.52 9.60 23.25
CA VAL A 174 -26.58 8.20 23.68
C VAL A 174 -28.01 7.93 24.10
N ILE A 175 -28.68 6.97 23.46
CA ILE A 175 -30.03 6.56 23.86
C ILE A 175 -29.92 5.47 24.93
N ASP A 176 -29.32 4.34 24.55
CA ASP A 176 -29.18 3.18 25.43
C ASP A 176 -27.73 2.75 25.47
N ILE A 177 -27.26 2.31 26.64
CA ILE A 177 -25.95 1.71 26.80
C ILE A 177 -26.17 0.27 27.27
N PHE A 178 -25.67 -0.68 26.49
CA PHE A 178 -25.75 -2.10 26.82
C PHE A 178 -24.37 -2.62 27.24
N LYS A 179 -24.33 -3.39 28.32
CA LYS A 179 -23.17 -4.21 28.68
C LYS A 179 -23.40 -5.55 28.00
N ILE A 180 -22.46 -5.98 27.16
CA ILE A 180 -22.60 -7.24 26.41
C ILE A 180 -21.47 -8.23 26.70
N GLU A 181 -21.79 -9.51 26.57
CA GLU A 181 -20.85 -10.60 26.84
C GLU A 181 -21.17 -11.76 25.90
N ARG A 182 -20.37 -11.91 24.84
CA ARG A 182 -20.55 -13.01 23.90
C ARG A 182 -20.08 -14.30 24.55
N GLU A 183 -20.74 -15.40 24.16
CA GLU A 183 -20.47 -16.72 24.73
C GLU A 183 -19.07 -17.16 24.32
N GLY A 184 -18.25 -17.53 25.31
CA GLY A 184 -16.90 -18.04 25.08
C GLY A 184 -15.83 -17.04 24.69
N GLU A 185 -16.15 -15.75 24.67
CA GLU A 185 -15.20 -14.72 24.22
C GLU A 185 -14.17 -14.40 25.30
N CYS A 186 -14.62 -14.28 26.55
CA CYS A 186 -13.72 -14.10 27.71
C CYS A 186 -12.73 -15.27 27.87
N GLN A 187 -13.17 -16.48 27.53
CA GLN A 187 -12.29 -17.66 27.48
C GLN A 187 -11.26 -17.54 26.36
N ARG A 188 -11.71 -17.10 25.18
CA ARG A 188 -10.84 -16.87 24.03
C ARG A 188 -9.84 -15.74 24.25
N TYR A 189 -10.25 -14.74 25.04
CA TYR A 189 -9.41 -13.59 25.38
C TYR A 189 -8.33 -13.86 26.44
N LYS A 190 -8.39 -15.01 27.10
CA LYS A 190 -7.59 -15.29 28.30
C LYS A 190 -6.07 -15.14 28.16
N PRO A 191 -5.49 -15.54 27.02
CA PRO A 191 -4.05 -15.30 26.78
C PRO A 191 -3.63 -13.83 26.72
N PHE A 192 -4.55 -12.95 26.33
CA PHE A 192 -4.27 -11.52 26.18
C PHE A 192 -4.84 -10.65 27.30
N LYS A 193 -5.40 -11.26 28.35
CA LYS A 193 -6.12 -10.48 29.38
C LYS A 193 -5.21 -9.59 30.24
N GLN A 194 -3.94 -9.97 30.38
CA GLN A 194 -2.95 -9.21 31.17
C GLN A 194 -1.86 -8.57 30.31
N LEU A 195 -2.04 -8.56 28.98
CA LEU A 195 -1.07 -7.97 28.07
C LEU A 195 -1.05 -6.45 28.25
N HIS A 196 0.12 -5.84 28.15
CA HIS A 196 0.26 -4.38 28.22
C HIS A 196 -0.45 -3.69 27.05
N ASN A 197 -0.78 -2.41 27.23
CA ASN A 197 -1.50 -1.61 26.25
C ASN A 197 -2.84 -2.25 25.82
N ARG A 198 -3.72 -2.39 26.80
CA ARG A 198 -5.11 -2.79 26.58
C ARG A 198 -5.97 -1.54 26.62
N ARG A 199 -6.76 -1.34 25.58
CA ARG A 199 -7.44 -0.06 25.36
C ARG A 199 -8.90 -0.28 24.94
N LEU A 200 -9.78 0.57 25.47
CA LEU A 200 -11.20 0.52 25.15
C LEU A 200 -11.43 1.40 23.93
N LEU A 201 -11.74 0.79 22.79
CA LEU A 201 -11.83 1.48 21.51
C LEU A 201 -13.14 1.24 20.79
N TRP A 202 -13.50 2.18 19.92
CA TRP A 202 -14.76 2.17 19.20
C TRP A 202 -14.69 1.28 17.97
N HIS A 203 -15.81 0.64 17.65
CA HIS A 203 -16.00 -0.01 16.36
C HIS A 203 -17.45 0.21 15.91
N GLY A 204 -17.62 0.98 14.85
CA GLY A 204 -18.93 1.25 14.28
C GLY A 204 -19.18 0.39 13.06
N SER A 205 -20.42 -0.04 12.91
CA SER A 205 -20.86 -0.77 11.72
C SER A 205 -22.32 -0.40 11.52
N ARG A 206 -22.84 -0.64 10.32
CA ARG A 206 -24.27 -0.42 10.09
C ARG A 206 -25.07 -1.49 10.83
N THR A 207 -26.32 -1.14 11.15
CA THR A 207 -27.14 -1.95 12.06
C THR A 207 -27.42 -3.37 11.54
N THR A 208 -27.43 -3.53 10.23
CA THR A 208 -27.62 -4.84 9.59
C THR A 208 -26.42 -5.81 9.76
N ASN A 209 -25.28 -5.34 10.25
CA ASN A 209 -24.15 -6.20 10.58
C ASN A 209 -24.18 -6.81 11.99
N PHE A 210 -25.00 -6.27 12.88
CA PHE A 210 -24.86 -6.54 14.33
C PHE A 210 -25.33 -7.90 14.82
N ALA A 211 -26.29 -8.52 14.13
CA ALA A 211 -26.66 -9.90 14.44
C ALA A 211 -25.47 -10.81 14.14
N GLY A 212 -24.81 -10.58 13.00
CA GLY A 212 -23.59 -11.30 12.64
C GLY A 212 -22.44 -11.06 13.61
N ILE A 213 -22.24 -9.80 13.99
CA ILE A 213 -21.17 -9.43 14.93
C ILE A 213 -21.41 -10.03 16.32
N LEU A 214 -22.63 -9.93 16.82
CA LEU A 214 -22.93 -10.44 18.16
C LEU A 214 -22.96 -11.97 18.26
N SER A 215 -23.15 -12.67 17.13
CA SER A 215 -23.10 -14.14 17.13
C SER A 215 -21.68 -14.65 16.85
N GLN A 216 -21.07 -14.16 15.77
CA GLN A 216 -19.72 -14.61 15.36
C GLN A 216 -18.56 -13.78 15.91
N GLY A 217 -18.85 -12.66 16.56
CA GLY A 217 -17.80 -11.73 17.02
C GLY A 217 -17.26 -10.91 15.86
N LEU A 218 -16.33 -10.02 16.17
CA LEU A 218 -15.56 -9.32 15.15
C LEU A 218 -14.53 -10.30 14.57
N ARG A 219 -14.57 -10.46 13.26
CA ARG A 219 -13.81 -11.44 12.50
C ARG A 219 -12.81 -10.81 11.52
N ILE A 220 -11.98 -11.65 10.92
CA ILE A 220 -11.05 -11.25 9.86
C ILE A 220 -11.65 -11.68 8.53
N ALA A 221 -11.48 -10.84 7.50
CA ALA A 221 -11.96 -11.16 6.15
C ALA A 221 -11.21 -12.39 5.62
N PRO A 222 -11.91 -13.28 4.90
CA PRO A 222 -11.32 -14.59 4.55
C PRO A 222 -10.12 -14.52 3.59
N PRO A 223 -9.39 -15.64 3.39
CA PRO A 223 -8.22 -15.65 2.51
C PRO A 223 -8.50 -15.20 1.06
N GLU A 224 -9.72 -15.48 0.57
CA GLU A 224 -10.13 -15.10 -0.78
C GLU A 224 -10.21 -13.59 -1.01
N ALA A 225 -10.43 -12.81 0.05
CA ALA A 225 -10.60 -11.35 -0.05
C ALA A 225 -9.31 -10.64 -0.48
N PRO A 226 -9.44 -9.58 -1.32
CA PRO A 226 -8.26 -8.85 -1.78
C PRO A 226 -7.65 -7.99 -0.67
N VAL A 227 -6.44 -8.36 -0.24
CA VAL A 227 -5.73 -7.65 0.84
C VAL A 227 -5.44 -6.16 0.50
N THR A 228 -5.32 -5.85 -0.79
CA THR A 228 -5.22 -4.46 -1.27
C THR A 228 -6.46 -3.60 -0.94
N GLY A 229 -7.63 -4.24 -0.85
CA GLY A 229 -8.87 -3.54 -0.48
C GLY A 229 -8.97 -2.96 0.92
N TYR A 230 -8.01 -3.27 1.79
CA TYR A 230 -7.98 -2.78 3.18
C TYR A 230 -6.67 -2.04 3.45
N MET A 231 -6.76 -0.89 4.11
CA MET A 231 -5.61 0.03 4.27
C MET A 231 -4.41 -0.58 4.99
N PHE A 232 -4.69 -1.30 6.08
CA PHE A 232 -3.65 -1.99 6.85
C PHE A 232 -3.87 -3.51 6.82
N GLY A 233 -4.26 -4.02 5.66
CA GLY A 233 -4.50 -5.44 5.48
C GLY A 233 -5.76 -5.95 6.19
N LYS A 234 -5.87 -7.28 6.26
CA LYS A 234 -7.06 -7.95 6.75
C LYS A 234 -6.97 -8.23 8.26
N GLY A 235 -7.54 -7.32 9.04
CA GLY A 235 -7.64 -7.44 10.49
C GLY A 235 -8.94 -6.83 10.99
N ILE A 236 -9.03 -6.60 12.29
CA ILE A 236 -10.20 -5.96 12.93
C ILE A 236 -9.79 -4.54 13.30
N TYR A 237 -10.54 -3.56 12.78
CA TYR A 237 -10.20 -2.14 12.86
C TYR A 237 -10.98 -1.45 13.97
N PHE A 238 -10.29 -0.61 14.75
CA PHE A 238 -10.91 0.20 15.79
C PHE A 238 -10.41 1.65 15.71
N ALA A 239 -11.15 2.56 16.33
CA ALA A 239 -10.76 3.97 16.43
C ALA A 239 -10.89 4.45 17.88
N ASP A 240 -10.11 5.47 18.25
CA ASP A 240 -10.22 6.12 19.56
C ASP A 240 -11.07 7.40 19.53
N MET A 241 -11.44 7.87 18.34
CA MET A 241 -12.38 8.98 18.18
C MET A 241 -13.74 8.40 17.80
N VAL A 242 -14.78 8.71 18.58
CA VAL A 242 -16.12 8.13 18.39
C VAL A 242 -16.74 8.46 17.03
N SER A 243 -16.48 9.67 16.53
CA SER A 243 -17.07 10.12 15.26
C SER A 243 -16.51 9.37 14.06
N LYS A 244 -15.22 9.00 14.13
CA LYS A 244 -14.57 8.19 13.10
C LYS A 244 -15.24 6.84 12.93
N SER A 245 -15.49 6.16 14.05
CA SER A 245 -16.25 4.90 14.04
C SER A 245 -17.73 5.13 13.69
N ALA A 246 -18.31 6.21 14.22
CA ALA A 246 -19.72 6.55 13.96
C ALA A 246 -20.05 6.68 12.47
N ASN A 247 -19.11 7.20 11.68
CA ASN A 247 -19.26 7.32 10.22
C ASN A 247 -19.55 5.99 9.51
N TYR A 248 -18.97 4.91 10.02
CA TYR A 248 -19.19 3.56 9.45
C TYR A 248 -20.55 2.94 9.77
N CYS A 249 -21.34 3.58 10.64
CA CYS A 249 -22.76 3.23 10.81
C CYS A 249 -23.57 3.48 9.54
N HIS A 250 -23.13 4.44 8.72
CA HIS A 250 -23.81 4.82 7.49
C HIS A 250 -25.25 5.23 7.78
N THR A 251 -25.36 6.11 8.76
CA THR A 251 -26.57 6.83 9.06
C THR A 251 -26.72 7.98 8.06
N SER A 252 -27.90 8.57 8.03
CA SER A 252 -28.22 9.67 7.13
C SER A 252 -29.52 10.27 7.63
N GLN A 253 -30.12 11.19 6.88
CA GLN A 253 -31.46 11.67 7.21
C GLN A 253 -32.55 10.59 6.94
N GLY A 254 -32.18 9.50 6.26
CA GLY A 254 -33.07 8.34 5.99
C GLY A 254 -33.02 7.13 6.95
N ASP A 255 -32.38 7.28 8.16
CA ASP A 255 -32.26 6.28 9.45
C ASP A 255 -30.99 6.59 10.38
N PRO A 256 -30.92 7.80 11.02
CA PRO A 256 -29.78 7.98 11.93
C PRO A 256 -29.85 7.35 13.32
N ILE A 257 -30.60 6.25 13.48
CA ILE A 257 -30.45 5.40 14.64
C ILE A 257 -29.34 4.44 14.28
N GLY A 258 -28.20 4.54 14.97
CA GLY A 258 -27.02 3.72 14.70
C GLY A 258 -26.54 2.98 15.92
N LEU A 259 -25.75 1.93 15.67
CA LEU A 259 -25.16 1.10 16.70
C LEU A 259 -23.64 1.16 16.61
N ILE A 260 -22.98 1.11 17.77
CA ILE A 260 -21.53 1.18 17.85
C ILE A 260 -21.03 0.38 19.05
N LEU A 261 -19.89 -0.30 18.89
CA LEU A 261 -19.29 -1.12 19.95
C LEU A 261 -18.21 -0.35 20.71
N LEU A 262 -18.02 -0.73 21.98
CA LEU A 262 -16.81 -0.41 22.72
C LEU A 262 -16.19 -1.73 23.13
N GLY A 263 -15.05 -2.07 22.53
CA GLY A 263 -14.36 -3.32 22.81
C GLY A 263 -13.02 -3.11 23.49
N GLU A 264 -12.62 -4.10 24.28
CA GLU A 264 -11.27 -4.15 24.86
C GLU A 264 -10.34 -4.79 23.83
N VAL A 265 -9.35 -4.03 23.38
CA VAL A 265 -8.41 -4.48 22.34
C VAL A 265 -7.01 -4.58 22.94
N ALA A 266 -6.42 -5.78 22.91
CA ALA A 266 -5.06 -6.01 23.38
C ALA A 266 -4.08 -5.60 22.29
N LEU A 267 -3.62 -4.36 22.37
CA LEU A 267 -2.74 -3.79 21.35
C LEU A 267 -1.29 -4.25 21.51
N GLY A 268 -0.81 -4.33 22.76
CA GLY A 268 0.56 -4.74 23.04
C GLY A 268 1.57 -3.78 22.43
N ASN A 269 2.69 -4.34 21.99
CA ASN A 269 3.67 -3.64 21.15
C ASN A 269 3.07 -3.28 19.78
N MET A 270 2.83 -1.98 19.57
CA MET A 270 2.15 -1.50 18.36
C MET A 270 3.14 -1.21 17.24
N TYR A 271 2.85 -1.74 16.04
CA TYR A 271 3.61 -1.45 14.83
C TYR A 271 3.03 -0.19 14.20
N GLU A 272 3.68 0.95 14.46
CA GLU A 272 3.16 2.25 14.06
C GLU A 272 3.43 2.56 12.59
N LEU A 273 2.41 3.06 11.89
CA LEU A 273 2.50 3.33 10.44
C LEU A 273 1.79 4.62 10.06
N LYS A 274 2.35 5.31 9.06
CA LYS A 274 1.82 6.58 8.55
C LYS A 274 0.95 6.44 7.30
N HIS A 275 1.18 5.38 6.52
CA HIS A 275 0.52 5.19 5.22
C HIS A 275 0.10 3.74 5.04
N ALA A 276 -0.68 3.48 3.98
CA ALA A 276 -1.23 2.16 3.72
C ALA A 276 -0.16 1.08 3.59
N SER A 277 -0.41 -0.07 4.22
CA SER A 277 0.50 -1.21 4.19
C SER A 277 -0.32 -2.51 4.18
N HIS A 278 -0.46 -3.12 3.01
CA HIS A 278 -1.39 -4.23 2.80
C HIS A 278 -0.76 -5.57 3.21
N ILE A 279 -0.71 -5.80 4.51
CA ILE A 279 -0.04 -6.98 5.10
C ILE A 279 -1.05 -8.01 5.62
N SER A 280 -0.69 -9.28 5.54
CA SER A 280 -1.50 -10.38 6.11
C SER A 280 -0.78 -11.07 7.28
N LYS A 281 0.26 -10.43 7.82
CA LYS A 281 0.96 -10.89 9.01
C LYS A 281 1.91 -9.82 9.56
N LEU A 282 1.90 -9.62 10.88
CA LEU A 282 2.71 -8.60 11.53
C LEU A 282 4.19 -8.97 11.54
N PRO A 283 5.09 -7.98 11.63
CA PRO A 283 6.50 -8.28 11.89
C PRO A 283 6.71 -8.83 13.31
N LYS A 284 7.73 -9.66 13.47
CA LYS A 284 7.98 -10.40 14.71
C LYS A 284 8.07 -9.48 15.94
N GLY A 285 7.35 -9.84 17.01
CA GLY A 285 7.31 -9.06 18.25
C GLY A 285 6.17 -8.06 18.39
N LYS A 286 5.43 -7.80 17.31
CA LYS A 286 4.33 -6.84 17.29
C LYS A 286 2.98 -7.56 17.41
N HIS A 287 2.07 -7.01 18.21
CA HIS A 287 0.74 -7.58 18.41
C HIS A 287 -0.39 -6.82 17.68
N SER A 288 -0.12 -5.60 17.22
CA SER A 288 -1.11 -4.78 16.54
C SER A 288 -0.45 -3.74 15.63
N VAL A 289 -1.25 -3.14 14.73
CA VAL A 289 -0.85 -1.95 13.99
C VAL A 289 -1.55 -0.73 14.60
N LYS A 290 -0.83 0.38 14.68
CA LYS A 290 -1.43 1.69 14.95
C LYS A 290 -1.22 2.59 13.74
N GLY A 291 -2.31 2.94 13.06
CA GLY A 291 -2.28 3.98 12.04
C GLY A 291 -2.17 5.34 12.72
N LEU A 292 -1.03 6.01 12.56
CA LEU A 292 -0.74 7.24 13.31
C LEU A 292 -1.57 8.42 12.82
N GLY A 293 -2.43 8.92 13.69
CA GLY A 293 -3.25 10.09 13.39
C GLY A 293 -2.52 11.41 13.58
N LYS A 294 -2.97 12.42 12.86
CA LYS A 294 -2.52 13.80 13.06
C LYS A 294 -3.04 14.32 14.40
N THR A 295 -4.31 14.07 14.66
CA THR A 295 -4.95 14.37 15.95
C THR A 295 -5.04 13.08 16.79
N THR A 296 -4.96 13.25 18.12
CA THR A 296 -5.08 12.13 19.06
C THR A 296 -5.71 12.60 20.38
N PRO A 297 -6.47 11.72 21.07
CA PRO A 297 -6.97 12.08 22.40
C PRO A 297 -5.84 12.33 23.40
N ASP A 298 -6.01 13.32 24.27
CA ASP A 298 -4.96 13.79 25.18
C ASP A 298 -4.43 12.65 26.07
N PRO A 299 -3.14 12.26 25.90
CA PRO A 299 -2.54 11.16 26.69
C PRO A 299 -2.59 11.35 28.22
N SER A 300 -2.45 12.59 28.68
CA SER A 300 -2.51 12.89 30.12
C SER A 300 -3.91 12.71 30.73
N ALA A 301 -4.96 12.80 29.90
CA ALA A 301 -6.35 12.67 30.37
C ALA A 301 -6.95 11.25 30.24
N ASN A 302 -6.09 10.21 30.20
CA ASN A 302 -6.54 8.81 30.18
C ASN A 302 -7.20 8.41 31.50
N ILE A 303 -8.16 7.49 31.41
CA ILE A 303 -8.94 7.03 32.56
C ILE A 303 -9.10 5.51 32.50
N SER A 304 -9.13 4.88 33.68
CA SER A 304 -9.24 3.42 33.80
C SER A 304 -10.69 3.00 34.05
N LEU A 305 -11.10 1.92 33.41
CA LEU A 305 -12.41 1.29 33.63
C LEU A 305 -12.21 -0.23 33.62
N ASP A 306 -12.29 -0.84 34.82
CA ASP A 306 -11.97 -2.26 35.02
C ASP A 306 -10.54 -2.60 34.56
N GLY A 307 -9.59 -1.72 34.89
CA GLY A 307 -8.18 -1.90 34.53
C GLY A 307 -7.85 -1.80 33.04
N VAL A 308 -8.74 -1.15 32.27
CA VAL A 308 -8.57 -0.96 30.83
C VAL A 308 -8.52 0.54 30.58
N ASP A 309 -7.48 1.01 29.89
CA ASP A 309 -7.35 2.43 29.56
C ASP A 309 -8.45 2.89 28.60
N VAL A 310 -9.01 4.07 28.87
CA VAL A 310 -10.02 4.70 28.05
C VAL A 310 -9.47 6.05 27.60
N PRO A 311 -9.09 6.17 26.31
CA PRO A 311 -8.51 7.43 25.82
C PRO A 311 -9.59 8.45 25.50
N LEU A 312 -10.17 9.05 26.54
CA LEU A 312 -11.33 9.95 26.42
C LEU A 312 -10.95 11.44 26.48
N GLY A 313 -9.67 11.76 26.34
CA GLY A 313 -9.23 13.16 26.32
C GLY A 313 -9.69 13.87 25.06
N THR A 314 -9.71 15.20 25.12
CA THR A 314 -10.03 16.02 23.94
C THR A 314 -8.93 15.85 22.90
N GLY A 315 -9.33 15.91 21.63
CA GLY A 315 -8.38 15.78 20.53
C GLY A 315 -7.35 16.90 20.49
N ILE A 316 -6.07 16.50 20.47
CA ILE A 316 -4.94 17.44 20.39
C ILE A 316 -3.97 16.98 19.30
N SER A 317 -2.97 17.81 19.01
CA SER A 317 -1.94 17.46 18.03
C SER A 317 -1.07 16.31 18.54
N SER A 318 -0.79 15.35 17.67
CA SER A 318 0.04 14.18 18.00
C SER A 318 1.54 14.43 17.79
N GLY A 319 1.88 15.41 16.95
CA GLY A 319 3.26 15.69 16.57
C GLY A 319 3.80 14.78 15.47
N VAL A 320 2.90 14.19 14.68
CA VAL A 320 3.25 13.32 13.56
C VAL A 320 3.04 14.11 12.28
N ASN A 321 4.04 14.09 11.40
CA ASN A 321 4.07 14.99 10.25
C ASN A 321 3.29 14.46 9.04
N ASP A 322 3.93 13.68 8.17
CA ASP A 322 3.39 13.39 6.85
C ASP A 322 2.66 12.06 6.86
N THR A 323 1.46 12.08 7.46
CA THR A 323 0.62 10.89 7.61
C THR A 323 -0.63 11.01 6.75
N SER A 324 -1.11 9.87 6.25
CA SER A 324 -2.38 9.80 5.54
C SER A 324 -3.59 10.04 6.45
N LEU A 325 -3.45 9.71 7.73
CA LEU A 325 -4.58 9.69 8.67
C LEU A 325 -4.71 10.96 9.50
N LEU A 326 -5.91 11.54 9.47
CA LEU A 326 -6.28 12.63 10.38
C LEU A 326 -6.37 12.17 11.83
N TYR A 327 -6.90 10.95 12.03
CA TYR A 327 -7.13 10.40 13.38
C TYR A 327 -6.59 8.99 13.51
N ASN A 328 -6.37 8.56 14.75
CA ASN A 328 -5.77 7.25 15.02
C ASN A 328 -6.63 6.08 14.55
N GLU A 329 -5.97 4.93 14.44
CA GLU A 329 -6.56 3.74 13.87
C GLU A 329 -5.81 2.54 14.42
N TYR A 330 -6.54 1.55 14.91
CA TYR A 330 -5.93 0.38 15.57
C TYR A 330 -6.42 -0.90 14.91
N ILE A 331 -5.49 -1.79 14.56
CA ILE A 331 -5.81 -3.05 13.87
C ILE A 331 -5.17 -4.23 14.61
N VAL A 332 -5.94 -5.30 14.77
CA VAL A 332 -5.43 -6.57 15.29
C VAL A 332 -5.74 -7.71 14.31
N TYR A 333 -4.83 -8.68 14.24
CA TYR A 333 -4.85 -9.74 13.23
C TYR A 333 -5.04 -11.14 13.85
N ASP A 334 -5.50 -11.17 15.10
CA ASP A 334 -5.93 -12.38 15.79
C ASP A 334 -7.26 -12.00 16.46
N ILE A 335 -8.31 -12.77 16.19
CA ILE A 335 -9.65 -12.49 16.75
C ILE A 335 -9.72 -12.66 18.28
N ALA A 336 -8.80 -13.46 18.82
CA ALA A 336 -8.65 -13.63 20.27
C ALA A 336 -8.19 -12.38 21.04
N GLN A 337 -7.68 -11.37 20.33
CA GLN A 337 -7.27 -10.09 20.96
C GLN A 337 -8.42 -9.10 21.20
N VAL A 338 -9.66 -9.47 20.87
CA VAL A 338 -10.83 -8.60 21.07
C VAL A 338 -11.74 -9.20 22.13
N ASN A 339 -12.20 -8.35 23.05
CA ASN A 339 -13.26 -8.69 23.99
C ASN A 339 -14.26 -7.53 24.00
N LEU A 340 -15.43 -7.75 23.40
CA LEU A 340 -16.45 -6.71 23.28
C LEU A 340 -17.16 -6.52 24.61
N LYS A 341 -17.15 -5.28 25.10
CA LYS A 341 -17.65 -4.95 26.43
C LYS A 341 -19.00 -4.22 26.40
N TYR A 342 -19.15 -3.25 25.50
CA TYR A 342 -20.41 -2.50 25.41
C TYR A 342 -20.94 -2.36 23.98
N LEU A 343 -22.22 -2.01 23.90
CA LEU A 343 -22.90 -1.66 22.65
C LEU A 343 -23.75 -0.43 22.96
N LEU A 344 -23.61 0.62 22.15
CA LEU A 344 -24.36 1.87 22.32
C LEU A 344 -25.32 2.03 21.15
N LYS A 345 -26.56 2.46 21.46
CA LYS A 345 -27.52 2.87 20.44
C LYS A 345 -27.48 4.39 20.39
N LEU A 346 -27.16 4.94 19.22
CA LEU A 346 -26.87 6.36 19.04
C LEU A 346 -27.91 7.10 18.22
N LYS A 347 -27.93 8.42 18.43
CA LYS A 347 -28.96 9.31 17.94
C LYS A 347 -28.23 10.44 17.17
N PHE A 348 -28.08 10.25 15.85
CA PHE A 348 -27.29 11.19 15.01
C PHE A 348 -28.11 12.44 14.67
N ASN A 349 -27.80 13.56 15.30
CA ASN A 349 -28.47 14.86 15.00
C ASN A 349 -27.80 15.55 13.81
N PHE A 350 -28.27 15.24 12.60
CA PHE A 350 -27.73 15.87 11.38
C PHE A 350 -28.14 17.34 11.32
N LYS A 351 -27.14 18.22 11.16
CA LYS A 351 -27.37 19.67 11.01
C LYS A 351 -27.25 20.12 9.53
N THR A 352 -27.66 19.27 8.60
CA THR A 352 -27.59 19.56 7.16
C THR A 352 -28.79 18.94 6.44
N HIS B 1 43.35 18.10 -29.92
CA HIS B 1 43.52 17.55 -28.52
C HIS B 1 44.34 16.26 -28.53
N MET B 2 44.74 15.81 -27.34
CA MET B 2 45.66 14.68 -27.15
C MET B 2 45.09 13.31 -27.60
N LYS B 3 43.77 13.20 -27.73
CA LYS B 3 43.07 12.05 -28.36
C LYS B 3 42.73 10.88 -27.42
N SER B 4 43.20 10.92 -26.18
CA SER B 4 42.84 9.96 -25.11
C SER B 4 43.39 8.54 -25.31
N LYS B 5 43.80 7.94 -24.19
CA LYS B 5 44.38 6.59 -24.17
C LYS B 5 43.51 5.58 -23.41
N LEU B 6 42.27 5.97 -23.07
CA LEU B 6 41.32 5.07 -22.43
C LEU B 6 40.86 4.02 -23.45
N PRO B 7 40.49 2.80 -22.99
CA PRO B 7 39.99 1.79 -23.92
C PRO B 7 38.76 2.25 -24.72
N LYS B 8 38.63 1.76 -25.96
CA LYS B 8 37.55 2.19 -26.86
C LYS B 8 36.15 1.92 -26.28
N PRO B 9 35.94 0.79 -25.60
CA PRO B 9 34.65 0.57 -24.91
C PRO B 9 34.35 1.58 -23.81
N VAL B 10 35.36 1.98 -23.05
CA VAL B 10 35.21 3.01 -22.01
C VAL B 10 34.93 4.38 -22.64
N GLN B 11 35.58 4.68 -23.77
CA GLN B 11 35.30 5.91 -24.52
C GLN B 11 33.88 5.96 -25.09
N ASP B 12 33.41 4.82 -25.60
CA ASP B 12 32.01 4.70 -26.09
C ASP B 12 30.99 4.86 -24.97
N LEU B 13 31.29 4.28 -23.81
CA LEU B 13 30.47 4.46 -22.61
C LEU B 13 30.33 5.93 -22.21
N ILE B 14 31.43 6.69 -22.27
CA ILE B 14 31.45 8.11 -21.89
C ILE B 14 30.60 8.94 -22.87
N LYS B 15 30.76 8.70 -24.17
CA LYS B 15 29.91 9.36 -25.19
C LYS B 15 28.42 9.14 -24.92
N MET B 16 28.07 7.89 -24.60
CA MET B 16 26.68 7.47 -24.42
C MET B 16 25.99 8.23 -23.28
N ILE B 17 26.63 8.24 -22.11
CA ILE B 17 26.03 8.81 -20.90
C ILE B 17 26.05 10.35 -20.85
N PHE B 18 27.04 10.98 -21.50
CA PHE B 18 27.13 12.44 -21.58
C PHE B 18 26.53 13.04 -22.86
N ASP B 19 25.71 12.27 -23.59
CA ASP B 19 25.05 12.76 -24.79
C ASP B 19 23.89 13.67 -24.43
N VAL B 20 24.01 14.95 -24.81
CA VAL B 20 23.00 15.98 -24.48
C VAL B 20 21.68 15.75 -25.23
N GLU B 21 21.75 15.26 -26.46
CA GLU B 21 20.54 14.98 -27.26
C GLU B 21 19.73 13.79 -26.72
N SER B 22 20.42 12.80 -26.14
CA SER B 22 19.74 11.70 -25.46
C SER B 22 18.96 12.19 -24.24
N MET B 23 19.53 13.16 -23.53
CA MET B 23 18.85 13.81 -22.40
C MET B 23 17.60 14.56 -22.85
N LYS B 24 17.73 15.30 -23.96
CA LYS B 24 16.59 15.98 -24.59
C LYS B 24 15.53 14.98 -25.07
N LYS B 25 15.99 13.89 -25.70
CA LYS B 25 15.09 12.82 -26.18
C LYS B 25 14.38 12.09 -25.03
N ALA B 26 15.03 11.99 -23.87
CA ALA B 26 14.41 11.44 -22.67
C ALA B 26 13.29 12.34 -22.15
N MET B 27 13.48 13.65 -22.24
CA MET B 27 12.47 14.63 -21.80
C MET B 27 11.21 14.68 -22.68
N VAL B 28 11.36 14.48 -23.99
CA VAL B 28 10.19 14.43 -24.89
C VAL B 28 9.38 13.13 -24.76
N GLU B 29 10.02 12.06 -24.27
CA GLU B 29 9.29 10.82 -23.91
C GLU B 29 8.34 11.02 -22.72
N TYR B 30 8.69 11.95 -21.83
CA TYR B 30 7.79 12.41 -20.76
C TYR B 30 6.84 13.53 -21.22
N GLU B 31 6.95 13.93 -22.49
CA GLU B 31 6.13 14.98 -23.11
C GLU B 31 6.35 16.35 -22.45
N ILE B 32 7.61 16.64 -22.13
CA ILE B 32 8.00 17.92 -21.52
C ILE B 32 8.28 18.93 -22.63
N ASP B 33 7.81 20.16 -22.44
CA ASP B 33 7.97 21.23 -23.42
C ASP B 33 9.35 21.86 -23.30
N LEU B 34 10.22 21.53 -24.25
CA LEU B 34 11.58 22.10 -24.29
C LEU B 34 11.62 23.57 -24.74
N GLN B 35 10.50 24.09 -25.24
CA GLN B 35 10.33 25.53 -25.48
C GLN B 35 10.30 26.28 -24.15
N LYS B 36 9.45 25.83 -23.23
CA LYS B 36 9.26 26.48 -21.93
C LYS B 36 10.22 25.98 -20.85
N MET B 37 10.50 24.68 -20.85
CA MET B 37 11.42 24.04 -19.91
C MET B 37 12.54 23.35 -20.69
N PRO B 38 13.50 24.13 -21.22
CA PRO B 38 14.68 23.52 -21.84
C PRO B 38 15.61 22.89 -20.80
N LEU B 39 16.52 22.04 -21.27
CA LEU B 39 17.45 21.31 -20.40
C LEU B 39 18.29 22.23 -19.52
N GLY B 40 18.65 23.40 -20.04
CA GLY B 40 19.43 24.40 -19.31
C GLY B 40 18.73 25.04 -18.11
N LYS B 41 17.41 25.23 -18.20
CA LYS B 41 16.61 25.81 -17.11
C LYS B 41 16.22 24.81 -16.00
N LEU B 42 16.33 23.51 -16.28
CA LEU B 42 15.99 22.45 -15.32
C LEU B 42 16.88 22.50 -14.07
N SER B 43 16.26 22.56 -12.90
CA SER B 43 16.99 22.65 -11.62
C SER B 43 16.45 21.70 -10.55
N LYS B 44 17.23 21.53 -9.50
CA LYS B 44 16.90 20.61 -8.39
C LYS B 44 15.66 21.05 -7.63
N ARG B 45 15.68 22.29 -7.14
CA ARG B 45 14.62 22.78 -6.24
C ARG B 45 13.26 23.04 -6.93
N GLN B 46 13.23 23.00 -8.26
CA GLN B 46 11.97 22.92 -9.02
C GLN B 46 11.42 21.50 -9.07
N ILE B 47 12.31 20.51 -9.13
CA ILE B 47 11.91 19.10 -9.02
C ILE B 47 11.42 18.81 -7.59
N GLN B 48 12.11 19.38 -6.61
CA GLN B 48 11.65 19.33 -5.20
C GLN B 48 10.28 19.99 -5.03
N ALA B 49 10.08 21.12 -5.71
CA ALA B 49 8.78 21.80 -5.72
C ALA B 49 7.69 20.95 -6.37
N ALA B 50 8.05 20.29 -7.48
CA ALA B 50 7.13 19.37 -8.18
C ALA B 50 6.77 18.17 -7.31
N TYR B 51 7.78 17.60 -6.64
CA TYR B 51 7.56 16.54 -5.63
C TYR B 51 6.60 16.96 -4.51
N SER B 52 6.72 18.21 -4.06
CA SER B 52 5.85 18.75 -2.99
C SER B 52 4.39 18.87 -3.42
N ILE B 53 4.16 19.26 -4.66
CA ILE B 53 2.82 19.26 -5.26
C ILE B 53 2.28 17.84 -5.29
N LEU B 54 3.14 16.91 -5.71
CA LEU B 54 2.81 15.48 -5.76
C LEU B 54 2.51 14.92 -4.36
N SER B 55 3.24 15.38 -3.35
CA SER B 55 2.97 15.05 -1.95
C SER B 55 1.65 15.66 -1.45
N GLU B 56 1.33 16.87 -1.91
CA GLU B 56 0.03 17.50 -1.63
C GLU B 56 -1.15 16.76 -2.27
N VAL B 57 -0.95 16.23 -3.48
CA VAL B 57 -1.96 15.39 -4.15
C VAL B 57 -2.18 14.12 -3.33
N GLN B 58 -1.07 13.42 -3.00
CA GLN B 58 -1.10 12.24 -2.10
C GLN B 58 -2.01 12.44 -0.89
N GLN B 59 -1.91 13.61 -0.26
CA GLN B 59 -2.70 13.94 0.94
C GLN B 59 -4.21 13.95 0.68
N ALA B 60 -4.61 14.55 -0.44
CA ALA B 60 -6.02 14.60 -0.83
C ALA B 60 -6.52 13.26 -1.41
N VAL B 61 -5.68 12.61 -2.22
CA VAL B 61 -6.02 11.30 -2.82
C VAL B 61 -6.26 10.23 -1.72
N SER B 62 -5.57 10.36 -0.59
CA SER B 62 -5.78 9.48 0.56
C SER B 62 -7.18 9.59 1.17
N GLN B 63 -7.68 10.83 1.28
CA GLN B 63 -8.95 11.12 1.98
C GLN B 63 -10.15 11.44 1.06
N GLY B 64 -10.01 11.22 -0.24
CA GLY B 64 -11.12 11.39 -1.20
C GLY B 64 -11.61 12.82 -1.34
N SER B 66 -12.50 14.64 -3.78
CA SER B 66 -12.80 15.82 -4.58
C SER B 66 -11.71 16.05 -5.63
N ASP B 67 -12.09 15.91 -6.90
CA ASP B 67 -11.24 16.35 -8.01
C ASP B 67 -11.22 17.90 -8.16
N SER B 68 -12.06 18.60 -7.39
CA SER B 68 -12.02 20.07 -7.27
C SER B 68 -10.67 20.56 -6.74
N GLN B 69 -10.29 20.01 -5.59
CA GLN B 69 -9.05 20.39 -4.91
C GLN B 69 -7.83 19.78 -5.61
N ILE B 70 -8.02 18.62 -6.25
CA ILE B 70 -6.96 17.97 -7.03
C ILE B 70 -6.69 18.70 -8.35
N LEU B 71 -7.70 19.31 -8.98
CA LEU B 71 -7.49 20.10 -10.20
C LEU B 71 -6.49 21.22 -9.97
N ASP B 72 -6.68 21.97 -8.87
CA ASP B 72 -5.77 23.05 -8.47
C ASP B 72 -4.33 22.53 -8.42
N LEU B 73 -4.15 21.40 -7.73
CA LEU B 73 -2.82 20.80 -7.56
C LEU B 73 -2.26 20.24 -8.87
N SER B 74 -3.11 19.59 -9.65
CA SER B 74 -2.73 19.07 -10.96
C SER B 74 -2.31 20.20 -11.91
N ASN B 75 -3.09 21.28 -11.94
CA ASN B 75 -2.73 22.51 -12.70
C ASN B 75 -1.37 23.07 -12.32
N ARG B 76 -1.13 23.19 -11.02
CA ARG B 76 0.16 23.70 -10.49
C ARG B 76 1.34 22.85 -10.96
N PHE B 77 1.17 21.53 -10.95
CA PHE B 77 2.22 20.60 -11.40
C PHE B 77 2.64 20.83 -12.85
N TYR B 78 1.66 20.98 -13.74
CA TYR B 78 1.93 21.23 -15.16
C TYR B 78 2.37 22.67 -15.46
N THR B 79 2.16 23.58 -14.51
CA THR B 79 2.75 24.91 -14.56
C THR B 79 4.21 24.87 -14.08
N LEU B 80 4.46 24.16 -12.98
CA LEU B 80 5.84 23.96 -12.46
C LEU B 80 6.73 23.26 -13.48
N ILE B 81 6.20 22.20 -14.09
CA ILE B 81 6.89 21.44 -15.13
C ILE B 81 6.09 21.60 -16.44
N PRO B 82 6.45 22.61 -17.28
CA PRO B 82 5.74 22.84 -18.54
C PRO B 82 5.77 21.63 -19.46
N HIS B 83 4.60 21.06 -19.77
CA HIS B 83 4.51 19.85 -20.59
C HIS B 83 4.07 20.17 -22.02
N ASP B 84 4.67 19.49 -22.98
CA ASP B 84 4.32 19.61 -24.40
C ASP B 84 3.06 18.80 -24.73
N PHE B 85 1.94 19.33 -24.30
CA PHE B 85 0.65 18.99 -24.87
C PHE B 85 0.17 20.23 -25.65
N GLY B 86 1.09 21.17 -25.91
CA GLY B 86 0.77 22.44 -26.57
C GLY B 86 -0.01 23.31 -25.63
N MET B 87 -1.24 23.63 -26.03
CA MET B 87 -2.19 24.35 -25.20
C MET B 87 -3.30 23.37 -24.76
N LYS B 88 -2.89 22.11 -24.63
CA LYS B 88 -3.13 21.20 -23.50
C LYS B 88 -4.43 21.11 -22.62
N LYS B 89 -4.36 21.57 -21.35
CA LYS B 89 -5.14 21.12 -20.12
C LYS B 89 -4.97 19.57 -20.13
N PRO B 90 -3.76 19.10 -19.76
CA PRO B 90 -3.37 17.69 -19.85
C PRO B 90 -4.17 16.74 -18.95
N PRO B 91 -3.93 15.42 -19.07
CA PRO B 91 -4.57 14.41 -18.21
C PRO B 91 -4.41 14.69 -16.71
N LEU B 92 -5.52 14.62 -15.98
CA LEU B 92 -5.59 14.97 -14.56
C LEU B 92 -4.78 13.99 -13.70
N LEU B 93 -4.30 14.48 -12.55
CA LEU B 93 -3.51 13.70 -11.60
C LEU B 93 -4.36 13.36 -10.38
N ASN B 94 -5.37 12.50 -10.59
CA ASN B 94 -6.40 12.20 -9.58
C ASN B 94 -6.41 10.74 -9.10
N ASN B 95 -5.26 10.07 -9.19
CA ASN B 95 -5.13 8.67 -8.80
C ASN B 95 -3.69 8.26 -8.49
N ALA B 96 -3.53 7.08 -7.91
CA ALA B 96 -2.21 6.56 -7.53
C ALA B 96 -1.31 6.29 -8.74
N ASP B 97 -1.90 5.80 -9.85
CA ASP B 97 -1.16 5.55 -11.09
C ASP B 97 -0.50 6.81 -11.66
N SER B 98 -1.22 7.94 -11.57
CA SER B 98 -0.71 9.23 -12.00
C SER B 98 0.44 9.72 -11.11
N VAL B 99 0.25 9.61 -9.79
CA VAL B 99 1.28 10.02 -8.82
C VAL B 99 2.54 9.18 -9.00
N GLN B 100 2.38 7.85 -9.07
CA GLN B 100 3.49 6.93 -9.32
C GLN B 100 4.25 7.26 -10.61
N ALA B 101 3.51 7.58 -11.67
CA ALA B 101 4.09 7.90 -12.98
C ALA B 101 4.92 9.19 -12.96
N LYS B 102 4.37 10.24 -12.36
CA LYS B 102 5.07 11.52 -12.24
C LYS B 102 6.21 11.48 -11.21
N ALA B 103 6.04 10.70 -10.15
CA ALA B 103 7.12 10.46 -9.18
C ALA B 103 8.32 9.78 -9.83
N GLU B 104 8.07 8.81 -10.70
CA GLU B 104 9.13 8.14 -11.45
C GLU B 104 9.78 9.06 -12.49
N MET B 105 9.00 9.97 -13.09
CA MET B 105 9.55 10.97 -13.99
C MET B 105 10.54 11.89 -13.26
N LEU B 106 10.11 12.44 -12.13
CA LEU B 106 10.94 13.36 -11.35
C LEU B 106 12.22 12.71 -10.79
N ASP B 107 12.18 11.40 -10.55
CA ASP B 107 13.39 10.63 -10.22
C ASP B 107 14.40 10.68 -11.35
N ASN B 108 13.92 10.47 -12.58
CA ASN B 108 14.75 10.55 -13.77
C ASN B 108 15.26 11.97 -14.03
N LEU B 109 14.38 12.96 -13.88
CA LEU B 109 14.76 14.36 -14.09
C LEU B 109 15.89 14.82 -13.18
N LEU B 110 15.88 14.36 -11.92
CA LEU B 110 16.96 14.68 -10.97
C LEU B 110 18.31 14.12 -11.42
N ASP B 111 18.32 12.89 -11.92
CA ASP B 111 19.54 12.29 -12.50
C ASP B 111 19.99 12.99 -13.78
N ILE B 112 19.03 13.45 -14.59
CA ILE B 112 19.32 14.24 -15.79
C ILE B 112 19.88 15.62 -15.43
N GLU B 113 19.32 16.26 -14.40
CA GLU B 113 19.82 17.55 -13.91
C GLU B 113 21.27 17.45 -13.42
N VAL B 114 21.60 16.38 -12.71
CA VAL B 114 22.96 16.13 -12.21
C VAL B 114 23.94 15.92 -13.37
N ALA B 115 23.51 15.15 -14.38
CA ALA B 115 24.33 14.88 -15.56
C ALA B 115 24.69 16.16 -16.31
N TYR B 116 23.68 16.99 -16.57
CA TYR B 116 23.88 18.25 -17.30
C TYR B 116 24.69 19.27 -16.48
N SER B 117 24.45 19.33 -15.18
CA SER B 117 25.19 20.26 -14.30
C SER B 117 26.65 19.84 -14.09
N LEU B 118 26.94 18.54 -14.20
CA LEU B 118 28.32 18.06 -14.30
C LEU B 118 28.99 18.53 -15.59
N LEU B 119 28.29 18.33 -16.71
CA LEU B 119 28.81 18.65 -18.04
C LEU B 119 29.15 20.13 -18.23
N ARG B 120 28.36 21.01 -17.62
CA ARG B 120 28.60 22.47 -17.67
C ARG B 120 29.22 23.00 -16.36
N GLY B 121 30.08 22.20 -15.74
CA GLY B 121 30.85 22.62 -14.56
C GLY B 121 32.26 22.07 -14.59
N GLY B 122 33.09 22.48 -13.65
CA GLY B 122 34.47 22.00 -13.53
C GLY B 122 35.47 22.92 -14.21
N SER B 123 36.00 22.49 -15.35
CA SER B 123 37.07 23.22 -16.07
C SER B 123 37.09 22.95 -17.58
N ASP B 124 37.08 24.03 -18.36
CA ASP B 124 37.25 23.95 -19.82
C ASP B 124 38.73 23.83 -20.16
N ASP B 125 39.04 23.08 -21.23
CA ASP B 125 40.40 22.96 -21.75
C ASP B 125 40.36 22.40 -23.18
N SER B 126 40.84 23.20 -24.14
CA SER B 126 40.95 22.77 -25.54
C SER B 126 42.11 21.78 -25.76
N SER B 127 43.10 21.78 -24.86
CA SER B 127 44.26 20.88 -24.94
C SER B 127 44.06 19.51 -24.24
N LYS B 128 42.82 19.16 -23.89
CA LYS B 128 42.47 17.82 -23.42
C LYS B 128 41.27 17.30 -24.20
N ASP B 129 41.21 15.97 -24.38
CA ASP B 129 40.08 15.31 -25.02
C ASP B 129 38.87 15.46 -24.08
N PRO B 130 37.72 15.96 -24.58
CA PRO B 130 36.53 16.00 -23.70
C PRO B 130 36.10 14.65 -23.11
N ILE B 131 36.44 13.54 -23.78
CA ILE B 131 36.22 12.20 -23.25
C ILE B 131 37.01 11.98 -21.95
N ASP B 132 38.27 12.44 -21.93
CA ASP B 132 39.09 12.40 -20.71
C ASP B 132 38.53 13.31 -19.62
N VAL B 133 38.12 14.52 -19.99
CA VAL B 133 37.59 15.51 -19.04
C VAL B 133 36.29 15.00 -18.41
N ASN B 134 35.40 14.45 -19.24
CA ASN B 134 34.14 13.86 -18.76
C ASN B 134 34.34 12.58 -17.94
N TYR B 135 35.39 11.82 -18.23
CA TYR B 135 35.74 10.65 -17.41
C TYR B 135 36.16 11.08 -15.99
N GLU B 136 37.02 12.09 -15.90
CA GLU B 136 37.46 12.63 -14.60
C GLU B 136 36.27 13.08 -13.74
N LYS B 137 35.30 13.74 -14.39
CA LYS B 137 34.07 14.24 -13.72
C LYS B 137 33.27 13.16 -12.99
N LEU B 138 33.28 11.94 -13.52
CA LEU B 138 32.57 10.82 -12.90
C LEU B 138 33.14 10.36 -11.56
N LYS B 139 34.43 10.62 -11.33
CA LYS B 139 35.12 10.22 -10.08
C LYS B 139 34.93 8.73 -9.81
N THR B 140 35.20 7.94 -10.84
CA THR B 140 34.92 6.51 -10.86
C THR B 140 35.96 5.80 -11.71
N ASP B 141 36.61 4.79 -11.14
CA ASP B 141 37.50 3.91 -11.89
C ASP B 141 36.64 2.97 -12.74
N ILE B 142 36.85 2.97 -14.06
CA ILE B 142 36.12 2.08 -14.98
C ILE B 142 37.12 1.28 -15.81
N LYS B 143 37.22 -0.02 -15.51
CA LYS B 143 38.08 -0.95 -16.25
C LYS B 143 37.18 -1.88 -17.06
N VAL B 144 37.66 -2.31 -18.23
CA VAL B 144 36.93 -3.28 -19.06
C VAL B 144 37.28 -4.70 -18.57
N VAL B 145 36.25 -5.49 -18.29
CA VAL B 145 36.45 -6.89 -17.86
C VAL B 145 36.77 -7.73 -19.09
N ASP B 146 37.71 -8.66 -18.93
CA ASP B 146 38.11 -9.58 -20.00
C ASP B 146 36.98 -10.58 -20.25
N ARG B 147 36.61 -10.78 -21.53
CA ARG B 147 35.55 -11.72 -21.91
C ARG B 147 35.80 -13.16 -21.48
N ASP B 148 37.06 -13.58 -21.48
CA ASP B 148 37.44 -14.95 -21.15
C ASP B 148 37.55 -15.24 -19.64
N SER B 149 37.48 -14.20 -18.80
CA SER B 149 37.61 -14.35 -17.34
C SER B 149 36.44 -15.12 -16.70
N GLU B 150 36.65 -15.54 -15.46
CA GLU B 150 35.66 -16.29 -14.69
C GLU B 150 34.48 -15.40 -14.28
N GLU B 151 34.80 -14.20 -13.78
CA GLU B 151 33.78 -13.20 -13.42
C GLU B 151 32.90 -12.79 -14.61
N ALA B 152 33.48 -12.77 -15.81
CA ALA B 152 32.73 -12.55 -17.04
C ALA B 152 31.80 -13.72 -17.37
N GLU B 153 32.29 -14.96 -17.18
CA GLU B 153 31.48 -16.17 -17.39
C GLU B 153 30.30 -16.26 -16.42
N ILE B 154 30.51 -15.84 -15.18
CA ILE B 154 29.45 -15.81 -14.16
C ILE B 154 28.40 -14.75 -14.52
N ILE B 155 28.87 -13.56 -14.90
CA ILE B 155 28.00 -12.45 -15.30
C ILE B 155 27.11 -12.82 -16.51
N ARG B 156 27.70 -13.44 -17.52
CA ARG B 156 26.92 -13.88 -18.71
C ARG B 156 25.86 -14.93 -18.37
N LYS B 157 26.22 -15.87 -17.49
CA LYS B 157 25.30 -16.92 -17.02
C LYS B 157 24.13 -16.33 -16.22
N TYR B 158 24.43 -15.30 -15.41
CA TYR B 158 23.41 -14.54 -14.68
C TYR B 158 22.37 -13.94 -15.64
N VAL B 159 22.85 -13.36 -16.74
CA VAL B 159 21.99 -12.75 -17.77
C VAL B 159 21.19 -13.83 -18.53
N LYS B 160 21.88 -14.90 -18.90
CA LYS B 160 21.30 -15.99 -19.69
C LYS B 160 20.13 -16.69 -18.99
N ASN B 161 20.37 -17.13 -17.75
CA ASN B 161 19.39 -17.91 -17.00
C ASN B 161 18.18 -17.11 -16.51
N THR B 162 18.40 -15.87 -16.07
CA THR B 162 17.35 -15.06 -15.43
C THR B 162 16.61 -14.11 -16.39
N HIS B 163 16.37 -14.55 -17.63
CA HIS B 163 15.59 -13.80 -18.61
C HIS B 163 14.18 -14.40 -18.66
N ALA B 164 13.17 -13.60 -18.31
CA ALA B 164 11.80 -14.11 -18.14
C ALA B 164 11.05 -14.30 -19.46
N THR B 165 10.22 -15.34 -19.50
CA THR B 165 9.35 -15.63 -20.65
C THR B 165 8.27 -14.56 -20.85
N THR B 166 7.80 -13.95 -19.76
CA THR B 166 6.83 -12.84 -19.85
C THR B 166 7.44 -11.61 -20.54
N HIS B 167 8.74 -11.41 -20.34
CA HIS B 167 9.51 -10.34 -20.99
C HIS B 167 10.28 -10.88 -22.21
N ASN B 168 9.60 -11.66 -23.05
CA ASN B 168 10.22 -12.22 -24.29
C ASN B 168 9.96 -11.38 -25.55
N ALA B 169 9.51 -10.13 -25.37
CA ALA B 169 9.43 -9.16 -26.47
C ALA B 169 10.81 -8.81 -27.05
N TYR B 170 11.88 -9.08 -26.29
CA TYR B 170 13.26 -8.96 -26.77
C TYR B 170 14.13 -10.12 -26.25
N ASP B 171 15.35 -10.24 -26.78
CA ASP B 171 16.43 -11.00 -26.14
C ASP B 171 17.70 -10.15 -26.08
N LEU B 172 18.62 -10.54 -25.20
CA LEU B 172 19.79 -9.71 -24.84
C LEU B 172 21.11 -10.29 -25.36
N GLU B 173 22.00 -9.39 -25.80
CA GLU B 173 23.44 -9.70 -25.92
C GLU B 173 24.16 -8.90 -24.84
N VAL B 174 25.27 -9.44 -24.36
CA VAL B 174 26.20 -8.68 -23.53
C VAL B 174 27.28 -8.12 -24.45
N ILE B 175 27.28 -6.80 -24.65
CA ILE B 175 28.30 -6.13 -25.46
C ILE B 175 29.57 -5.98 -24.62
N ASP B 176 29.47 -5.21 -23.53
CA ASP B 176 30.60 -4.94 -22.65
C ASP B 176 30.26 -5.19 -21.19
N ILE B 177 31.29 -5.52 -20.41
CA ILE B 177 31.19 -5.65 -18.95
C ILE B 177 32.30 -4.81 -18.35
N PHE B 178 31.93 -3.80 -17.56
CA PHE B 178 32.90 -2.90 -16.94
C PHE B 178 32.99 -3.16 -15.44
N LYS B 179 34.21 -3.21 -14.91
CA LYS B 179 34.45 -3.25 -13.46
C LYS B 179 34.51 -1.81 -13.00
N ILE B 180 33.54 -1.41 -12.15
CA ILE B 180 33.44 -0.02 -11.69
C ILE B 180 33.73 0.11 -10.19
N GLU B 181 34.39 1.22 -9.82
CA GLU B 181 34.65 1.55 -8.43
C GLU B 181 34.50 3.06 -8.25
N ARG B 182 33.40 3.48 -7.62
CA ARG B 182 33.16 4.89 -7.35
C ARG B 182 34.09 5.37 -6.25
N GLU B 183 34.59 6.60 -6.38
CA GLU B 183 35.52 7.16 -5.41
C GLU B 183 34.85 7.31 -4.03
N GLY B 184 35.38 6.60 -3.04
CA GLY B 184 34.89 6.66 -1.67
C GLY B 184 33.76 5.70 -1.29
N GLU B 185 33.27 4.92 -2.25
CA GLU B 185 32.12 4.03 -2.00
C GLU B 185 32.48 2.77 -1.21
N CYS B 186 33.69 2.23 -1.42
CA CYS B 186 34.18 1.07 -0.65
C CYS B 186 34.43 1.41 0.82
N GLN B 187 34.80 2.66 1.10
CA GLN B 187 34.93 3.16 2.47
C GLN B 187 33.56 3.28 3.14
N ARG B 188 32.61 3.88 2.42
CA ARG B 188 31.23 4.05 2.90
C ARG B 188 30.48 2.74 3.14
N TYR B 189 30.82 1.71 2.35
CA TYR B 189 30.22 0.37 2.48
C TYR B 189 30.83 -0.49 3.61
N LYS B 190 31.96 -0.06 4.18
CA LYS B 190 32.74 -0.86 5.12
C LYS B 190 32.00 -1.35 6.38
N PRO B 191 31.11 -0.51 6.96
CA PRO B 191 30.31 -0.98 8.11
C PRO B 191 29.36 -2.15 7.80
N PHE B 192 28.88 -2.23 6.56
CA PHE B 192 27.96 -3.29 6.14
C PHE B 192 28.64 -4.45 5.38
N LYS B 193 29.96 -4.46 5.32
CA LYS B 193 30.71 -5.42 4.48
C LYS B 193 30.62 -6.87 5.00
N GLN B 194 30.51 -7.02 6.32
CA GLN B 194 30.35 -8.33 6.97
C GLN B 194 28.99 -8.45 7.67
N LEU B 195 27.96 -7.86 7.05
CA LEU B 195 26.56 -8.12 7.40
C LEU B 195 26.13 -9.30 6.54
N HIS B 196 25.35 -10.21 7.14
CA HIS B 196 24.84 -11.40 6.44
C HIS B 196 23.91 -11.08 5.26
N ASN B 197 23.68 -12.09 4.41
CA ASN B 197 22.81 -12.01 3.22
C ASN B 197 23.22 -10.91 2.19
N ARG B 198 24.53 -10.81 1.94
CA ARG B 198 25.03 -9.93 0.87
C ARG B 198 24.83 -10.62 -0.48
N ARG B 199 24.19 -9.91 -1.41
CA ARG B 199 23.77 -10.48 -2.69
C ARG B 199 24.13 -9.55 -3.85
N LEU B 200 24.38 -10.14 -5.02
CA LEU B 200 24.71 -9.40 -6.24
C LEU B 200 23.44 -9.29 -7.09
N LEU B 201 22.90 -8.08 -7.21
CA LEU B 201 21.57 -7.86 -7.81
C LEU B 201 21.58 -6.79 -8.90
N TRP B 202 20.60 -6.90 -9.80
CA TRP B 202 20.47 -6.01 -10.95
C TRP B 202 19.80 -4.69 -10.58
N HIS B 203 20.31 -3.59 -11.14
CA HIS B 203 19.60 -2.31 -11.13
C HIS B 203 19.74 -1.66 -12.52
N GLY B 204 18.63 -1.59 -13.25
CA GLY B 204 18.60 -1.01 -14.58
C GLY B 204 18.04 0.40 -14.55
N SER B 205 18.67 1.28 -15.33
CA SER B 205 18.19 2.65 -15.51
C SER B 205 18.44 3.07 -16.95
N ARG B 206 17.83 4.17 -17.38
CA ARG B 206 18.07 4.69 -18.72
C ARG B 206 19.45 5.36 -18.79
N THR B 207 20.06 5.30 -19.97
CA THR B 207 21.48 5.63 -20.16
C THR B 207 21.83 7.06 -19.77
N THR B 208 20.88 7.97 -19.94
CA THR B 208 21.04 9.37 -19.53
C THR B 208 21.30 9.54 -18.02
N ASN B 209 20.75 8.65 -17.20
CA ASN B 209 20.89 8.72 -15.74
C ASN B 209 22.25 8.31 -15.17
N PHE B 210 23.08 7.61 -15.95
CA PHE B 210 24.31 6.99 -15.42
C PHE B 210 25.46 7.94 -15.09
N ALA B 211 25.45 9.14 -15.67
CA ALA B 211 26.39 10.20 -15.23
C ALA B 211 26.12 10.56 -13.78
N GLY B 212 24.84 10.73 -13.45
CA GLY B 212 24.40 10.95 -12.07
C GLY B 212 24.66 9.77 -11.16
N ILE B 213 24.39 8.55 -11.65
CA ILE B 213 24.58 7.33 -10.86
C ILE B 213 26.06 7.10 -10.53
N LEU B 214 26.94 7.23 -11.52
CA LEU B 214 28.38 7.02 -11.31
C LEU B 214 29.07 8.15 -10.54
N SER B 215 28.47 9.35 -10.53
CA SER B 215 29.02 10.47 -9.76
C SER B 215 28.51 10.44 -8.32
N GLN B 216 27.19 10.36 -8.16
CA GLN B 216 26.54 10.44 -6.84
C GLN B 216 26.16 9.10 -6.21
N GLY B 217 26.27 7.99 -6.95
CA GLY B 217 25.76 6.70 -6.48
C GLY B 217 24.24 6.61 -6.63
N LEU B 218 23.70 5.43 -6.34
CA LEU B 218 22.26 5.26 -6.24
C LEU B 218 21.82 5.88 -4.91
N ARG B 219 21.11 7.00 -5.00
CA ARG B 219 20.57 7.71 -3.84
C ARG B 219 19.13 7.30 -3.51
N ILE B 220 18.60 7.87 -2.43
CA ILE B 220 17.18 7.79 -2.08
C ILE B 220 16.52 9.10 -2.53
N ALA B 221 15.27 9.00 -3.02
CA ALA B 221 14.48 10.18 -3.41
C ALA B 221 14.33 11.15 -2.22
N PRO B 222 14.29 12.48 -2.50
CA PRO B 222 14.34 13.44 -1.39
C PRO B 222 13.11 13.42 -0.48
N PRO B 223 13.18 14.12 0.69
CA PRO B 223 12.03 14.19 1.61
C PRO B 223 10.74 14.74 1.00
N GLU B 224 10.87 15.64 0.02
CA GLU B 224 9.71 16.24 -0.64
C GLU B 224 8.91 15.24 -1.49
N ALA B 225 9.58 14.19 -1.99
CA ALA B 225 8.93 13.17 -2.81
C ALA B 225 7.90 12.36 -2.02
N PRO B 226 6.78 11.99 -2.67
CA PRO B 226 5.73 11.24 -1.99
C PRO B 226 6.12 9.77 -1.75
N VAL B 227 6.09 9.36 -0.48
CA VAL B 227 6.32 7.95 -0.12
C VAL B 227 5.25 7.01 -0.71
N THR B 228 4.04 7.52 -0.92
CA THR B 228 2.95 6.78 -1.57
C THR B 228 3.22 6.49 -3.07
N GLY B 229 4.05 7.32 -3.70
CA GLY B 229 4.42 7.13 -5.11
C GLY B 229 5.30 5.93 -5.45
N TYR B 230 5.89 5.30 -4.43
CA TYR B 230 6.75 4.12 -4.62
C TYR B 230 6.16 2.94 -3.87
N MET B 231 6.24 1.75 -4.46
CA MET B 231 5.56 0.56 -3.94
C MET B 231 6.00 0.17 -2.52
N PHE B 232 7.31 0.18 -2.28
CA PHE B 232 7.86 -0.16 -0.96
C PHE B 232 8.57 1.03 -0.31
N GLY B 233 8.08 2.24 -0.60
CA GLY B 233 8.61 3.46 0.00
C GLY B 233 9.88 3.96 -0.65
N LYS B 234 10.49 4.97 -0.05
CA LYS B 234 11.65 5.65 -0.61
C LYS B 234 12.95 4.95 -0.21
N GLY B 235 13.35 3.97 -1.02
CA GLY B 235 14.63 3.26 -0.89
C GLY B 235 15.29 3.10 -2.25
N ILE B 236 16.29 2.23 -2.31
CA ILE B 236 16.98 1.89 -3.56
C ILE B 236 16.58 0.48 -3.97
N TYR B 237 15.94 0.36 -5.14
CA TYR B 237 15.31 -0.88 -5.57
C TYR B 237 16.27 -1.73 -6.42
N PHE B 238 16.19 -3.04 -6.24
CA PHE B 238 16.99 -4.01 -7.01
C PHE B 238 16.13 -5.21 -7.40
N ALA B 239 16.70 -6.09 -8.23
CA ALA B 239 16.05 -7.33 -8.66
C ALA B 239 17.06 -8.43 -8.94
N ASP B 240 16.60 -9.67 -8.86
CA ASP B 240 17.43 -10.86 -9.17
C ASP B 240 17.20 -11.43 -10.57
N MET B 241 16.23 -10.86 -11.30
CA MET B 241 15.97 -11.20 -12.70
C MET B 241 16.43 -10.03 -13.58
N VAL B 242 17.25 -10.32 -14.58
CA VAL B 242 17.82 -9.28 -15.44
C VAL B 242 16.77 -8.57 -16.30
N SER B 243 15.76 -9.31 -16.75
CA SER B 243 14.70 -8.75 -17.61
C SER B 243 13.76 -7.80 -16.88
N LYS B 244 13.57 -8.01 -15.57
CA LYS B 244 12.81 -7.06 -14.73
C LYS B 244 13.53 -5.72 -14.62
N SER B 245 14.81 -5.78 -14.26
CA SER B 245 15.65 -4.57 -14.20
C SER B 245 15.84 -3.93 -15.59
N ALA B 246 15.99 -4.76 -16.63
CA ALA B 246 16.18 -4.26 -18.00
C ALA B 246 14.99 -3.45 -18.53
N ASN B 247 13.78 -3.75 -18.05
CA ASN B 247 12.59 -2.96 -18.41
C ASN B 247 12.67 -1.49 -17.96
N TYR B 248 13.46 -1.21 -16.92
CA TYR B 248 13.69 0.17 -16.45
C TYR B 248 14.79 0.93 -17.22
N CYS B 249 15.44 0.27 -18.18
CA CYS B 249 16.31 0.96 -19.14
C CYS B 249 15.52 1.82 -20.13
N HIS B 250 14.31 1.36 -20.46
CA HIS B 250 13.44 1.99 -21.46
C HIS B 250 14.14 2.14 -22.81
N THR B 251 14.57 1.00 -23.34
CA THR B 251 15.11 0.89 -24.68
C THR B 251 13.98 0.58 -25.65
N SER B 252 14.21 0.85 -26.93
CA SER B 252 13.22 0.64 -27.99
C SER B 252 13.92 0.18 -29.26
N GLN B 253 13.15 0.01 -30.34
CA GLN B 253 13.72 -0.20 -31.68
C GLN B 253 14.56 1.02 -32.11
N GLY B 254 14.10 2.21 -31.76
CA GLY B 254 14.82 3.46 -32.03
C GLY B 254 16.20 3.57 -31.41
N ASP B 255 16.35 3.03 -30.21
CA ASP B 255 17.66 2.91 -29.55
C ASP B 255 17.69 1.63 -28.69
N PRO B 256 18.18 0.51 -29.26
CA PRO B 256 18.16 -0.79 -28.57
C PRO B 256 19.38 -1.10 -27.68
N ILE B 257 20.16 -0.09 -27.29
CA ILE B 257 21.29 -0.28 -26.38
C ILE B 257 20.89 0.24 -24.99
N GLY B 258 21.10 -0.59 -23.96
CA GLY B 258 20.84 -0.21 -22.56
C GLY B 258 22.03 -0.43 -21.65
N LEU B 259 22.01 0.23 -20.49
CA LEU B 259 23.01 0.05 -19.44
C LEU B 259 22.34 -0.46 -18.16
N ILE B 260 23.00 -1.40 -17.48
CA ILE B 260 22.44 -2.03 -16.29
C ILE B 260 23.55 -2.35 -15.26
N LEU B 261 23.23 -2.12 -13.99
CA LEU B 261 24.20 -2.30 -12.89
C LEU B 261 24.11 -3.69 -12.26
N LEU B 262 25.24 -4.16 -11.76
CA LEU B 262 25.29 -5.22 -10.78
C LEU B 262 25.93 -4.61 -9.53
N GLY B 263 25.20 -4.64 -8.42
CA GLY B 263 25.68 -4.07 -7.15
C GLY B 263 25.64 -5.09 -6.02
N GLU B 264 26.64 -5.03 -5.15
CA GLU B 264 26.63 -5.82 -3.91
C GLU B 264 25.73 -5.10 -2.90
N VAL B 265 24.58 -5.70 -2.63
CA VAL B 265 23.57 -5.12 -1.73
C VAL B 265 23.58 -5.88 -0.41
N ALA B 266 24.01 -5.21 0.66
CA ALA B 266 23.99 -5.79 2.00
C ALA B 266 22.55 -5.78 2.53
N LEU B 267 21.83 -6.87 2.26
CA LEU B 267 20.40 -6.98 2.61
C LEU B 267 20.16 -7.19 4.10
N GLY B 268 20.98 -8.04 4.73
CA GLY B 268 20.83 -8.36 6.15
C GLY B 268 19.58 -9.19 6.42
N ASN B 269 18.98 -8.98 7.59
CA ASN B 269 17.68 -9.56 7.91
C ASN B 269 16.58 -8.88 7.09
N MET B 270 15.97 -9.64 6.19
CA MET B 270 15.02 -9.11 5.22
C MET B 270 13.59 -9.11 5.75
N TYR B 271 12.90 -7.98 5.60
CA TYR B 271 11.47 -7.87 5.92
C TYR B 271 10.68 -8.21 4.67
N GLU B 272 10.16 -9.44 4.61
CA GLU B 272 9.48 -9.93 3.42
C GLU B 272 8.06 -9.37 3.33
N LEU B 273 7.65 -8.98 2.12
CA LEU B 273 6.33 -8.39 1.88
C LEU B 273 5.77 -8.83 0.53
N LYS B 274 4.47 -9.11 0.49
CA LYS B 274 3.79 -9.60 -0.72
C LYS B 274 3.06 -8.51 -1.50
N HIS B 275 2.71 -7.40 -0.84
CA HIS B 275 2.00 -6.28 -1.47
C HIS B 275 2.59 -4.96 -1.00
N ALA B 276 2.15 -3.87 -1.63
CA ALA B 276 2.70 -2.53 -1.40
C ALA B 276 2.63 -2.12 0.06
N SER B 277 3.73 -1.55 0.56
CA SER B 277 3.83 -1.05 1.93
C SER B 277 4.67 0.23 1.93
N HIS B 278 3.99 1.38 1.89
CA HIS B 278 4.65 2.67 1.71
C HIS B 278 5.28 3.15 3.02
N ILE B 279 6.54 2.81 3.24
CA ILE B 279 7.23 3.06 4.51
C ILE B 279 8.48 3.94 4.35
N SER B 280 8.69 4.85 5.31
CA SER B 280 9.89 5.70 5.33
C SER B 280 11.05 5.02 6.07
N LYS B 281 10.73 4.35 7.17
CA LYS B 281 11.71 3.57 7.94
C LYS B 281 11.26 2.12 8.10
N LEU B 282 12.20 1.25 8.46
CA LEU B 282 11.96 -0.17 8.62
C LEU B 282 11.56 -0.49 10.06
N PRO B 283 10.92 -1.67 10.29
CA PRO B 283 10.80 -2.17 11.65
C PRO B 283 12.17 -2.52 12.24
N LYS B 284 12.29 -2.41 13.55
CA LYS B 284 13.59 -2.44 14.24
C LYS B 284 14.23 -3.82 14.13
N GLY B 285 15.49 -3.87 13.70
CA GLY B 285 16.22 -5.13 13.49
C GLY B 285 16.22 -5.65 12.05
N LYS B 286 15.44 -5.03 11.17
CA LYS B 286 15.43 -5.33 9.73
C LYS B 286 16.29 -4.31 9.00
N HIS B 287 16.93 -4.74 7.92
CA HIS B 287 17.82 -3.87 7.12
C HIS B 287 17.46 -3.76 5.63
N SER B 288 16.44 -4.50 5.18
CA SER B 288 15.97 -4.43 3.80
C SER B 288 14.56 -5.02 3.69
N VAL B 289 13.88 -4.70 2.59
CA VAL B 289 12.59 -5.30 2.26
C VAL B 289 12.79 -6.24 1.07
N LYS B 290 12.16 -7.42 1.13
CA LYS B 290 12.09 -8.32 -0.01
C LYS B 290 10.65 -8.40 -0.50
N GLY B 291 10.40 -7.85 -1.68
CA GLY B 291 9.14 -8.05 -2.38
C GLY B 291 9.13 -9.46 -2.92
N LEU B 292 8.29 -10.32 -2.35
CA LEU B 292 8.24 -11.73 -2.74
C LEU B 292 7.55 -11.92 -4.08
N GLY B 293 8.29 -12.50 -5.04
CA GLY B 293 7.77 -12.77 -6.37
C GLY B 293 7.20 -14.17 -6.50
N LYS B 294 6.39 -14.36 -7.53
CA LYS B 294 5.81 -15.67 -7.86
C LYS B 294 6.86 -16.61 -8.44
N THR B 295 7.68 -16.07 -9.35
CA THR B 295 8.84 -16.77 -9.90
C THR B 295 10.11 -16.29 -9.19
N THR B 296 11.04 -17.21 -8.93
CA THR B 296 12.32 -16.90 -8.27
C THR B 296 13.47 -17.70 -8.90
N PRO B 297 14.71 -17.16 -8.87
CA PRO B 297 15.87 -17.99 -9.20
C PRO B 297 16.04 -19.15 -8.23
N ASP B 298 16.46 -20.31 -8.76
CA ASP B 298 16.57 -21.54 -7.96
C ASP B 298 17.64 -21.39 -6.87
N PRO B 299 17.25 -21.49 -5.57
CA PRO B 299 18.23 -21.35 -4.47
C PRO B 299 19.37 -22.38 -4.46
N SER B 300 19.12 -23.57 -5.01
CA SER B 300 20.16 -24.60 -5.13
C SER B 300 21.28 -24.24 -6.11
N ALA B 301 20.97 -23.39 -7.10
CA ALA B 301 21.94 -22.98 -8.12
C ALA B 301 22.65 -21.63 -7.82
N ASN B 302 22.83 -21.29 -6.55
CA ASN B 302 23.59 -20.09 -6.16
C ASN B 302 25.10 -20.30 -6.30
N ILE B 303 25.82 -19.20 -6.52
CA ILE B 303 27.28 -19.21 -6.70
C ILE B 303 27.88 -18.00 -5.96
N SER B 304 29.08 -18.20 -5.41
CA SER B 304 29.81 -17.14 -4.70
C SER B 304 30.80 -16.46 -5.63
N LEU B 305 30.70 -15.12 -5.74
CA LEU B 305 31.66 -14.29 -6.48
C LEU B 305 32.22 -13.24 -5.52
N ASP B 306 33.49 -13.40 -5.16
CA ASP B 306 34.17 -12.53 -4.18
C ASP B 306 33.42 -12.46 -2.84
N GLY B 307 32.94 -13.63 -2.38
CA GLY B 307 32.18 -13.75 -1.14
C GLY B 307 30.80 -13.10 -1.17
N VAL B 308 30.13 -13.19 -2.31
CA VAL B 308 28.79 -12.61 -2.50
C VAL B 308 27.91 -13.59 -3.27
N ASP B 309 26.69 -13.82 -2.79
CA ASP B 309 25.73 -14.72 -3.45
C ASP B 309 25.28 -14.16 -4.80
N VAL B 310 25.20 -15.03 -5.80
CA VAL B 310 24.73 -14.68 -7.13
C VAL B 310 23.57 -15.61 -7.47
N PRO B 311 22.32 -15.12 -7.35
CA PRO B 311 21.16 -15.97 -7.63
C PRO B 311 20.92 -16.09 -9.13
N LEU B 312 21.76 -16.91 -9.79
CA LEU B 312 21.76 -17.04 -11.25
C LEU B 312 21.08 -18.33 -11.75
N GLY B 313 20.24 -18.93 -10.90
CA GLY B 313 19.44 -20.10 -11.31
C GLY B 313 18.28 -19.68 -12.19
N THR B 314 17.78 -20.63 -12.98
CA THR B 314 16.64 -20.40 -13.85
C THR B 314 15.34 -20.25 -13.04
N GLY B 315 14.34 -19.64 -13.68
CA GLY B 315 13.10 -19.25 -13.00
C GLY B 315 12.17 -20.39 -12.62
N ILE B 316 12.19 -20.75 -11.33
CA ILE B 316 11.24 -21.72 -10.77
C ILE B 316 10.21 -21.00 -9.89
N SER B 317 9.15 -21.71 -9.52
CA SER B 317 8.09 -21.14 -8.67
C SER B 317 8.57 -21.06 -7.21
N SER B 318 8.32 -19.91 -6.57
CA SER B 318 8.74 -19.68 -5.18
C SER B 318 7.89 -20.44 -4.16
N GLY B 319 6.62 -20.66 -4.49
CA GLY B 319 5.66 -21.28 -3.57
C GLY B 319 4.85 -20.29 -2.75
N VAL B 320 4.95 -19.00 -3.09
CA VAL B 320 4.20 -17.93 -2.42
C VAL B 320 2.84 -17.80 -3.12
N ASN B 321 1.77 -17.80 -2.33
CA ASN B 321 0.40 -17.88 -2.87
C ASN B 321 -0.14 -16.56 -3.43
N ASP B 322 -0.54 -15.65 -2.54
CA ASP B 322 -1.17 -14.37 -2.93
C ASP B 322 -0.16 -13.23 -2.84
N THR B 323 0.36 -12.82 -3.99
CA THR B 323 1.31 -11.70 -4.08
C THR B 323 1.04 -10.85 -5.32
N SER B 324 1.33 -9.56 -5.22
CA SER B 324 1.20 -8.63 -6.34
C SER B 324 2.29 -8.84 -7.39
N LEU B 325 3.49 -9.14 -6.93
CA LEU B 325 4.68 -9.15 -7.78
C LEU B 325 4.84 -10.47 -8.53
N LEU B 326 5.12 -10.37 -9.84
CA LEU B 326 5.48 -11.52 -10.65
C LEU B 326 6.88 -12.02 -10.31
N TYR B 327 7.83 -11.09 -10.14
CA TYR B 327 9.23 -11.41 -9.82
C TYR B 327 9.70 -10.66 -8.58
N ASN B 328 10.82 -11.12 -8.04
CA ASN B 328 11.33 -10.58 -6.77
C ASN B 328 11.77 -9.12 -6.85
N GLU B 329 11.95 -8.54 -5.67
CA GLU B 329 12.29 -7.12 -5.52
C GLU B 329 13.04 -6.96 -4.21
N TYR B 330 14.12 -6.19 -4.21
CA TYR B 330 14.92 -5.95 -3.01
C TYR B 330 15.13 -4.47 -2.83
N ILE B 331 14.82 -3.95 -1.64
CA ILE B 331 14.91 -2.51 -1.35
C ILE B 331 15.72 -2.27 -0.09
N VAL B 332 16.59 -1.25 -0.13
CA VAL B 332 17.39 -0.82 1.02
C VAL B 332 17.21 0.68 1.22
N TYR B 333 17.15 1.09 2.49
CA TYR B 333 16.78 2.47 2.86
C TYR B 333 17.94 3.27 3.47
N ASP B 334 19.15 2.74 3.34
CA ASP B 334 20.39 3.46 3.61
C ASP B 334 21.28 3.32 2.38
N ILE B 335 21.79 4.44 1.88
CA ILE B 335 22.64 4.46 0.67
C ILE B 335 23.96 3.71 0.86
N ALA B 336 24.45 3.66 2.10
CA ALA B 336 25.68 2.94 2.44
C ALA B 336 25.60 1.41 2.35
N GLN B 337 24.39 0.84 2.21
CA GLN B 337 24.21 -0.60 2.03
C GLN B 337 24.45 -1.11 0.59
N VAL B 338 24.83 -0.21 -0.32
CA VAL B 338 25.10 -0.56 -1.71
C VAL B 338 26.58 -0.34 -2.03
N ASN B 339 27.16 -1.30 -2.75
CA ASN B 339 28.48 -1.17 -3.34
C ASN B 339 28.41 -1.63 -4.79
N LEU B 340 28.47 -0.68 -5.73
CA LEU B 340 28.34 -0.96 -7.15
C LEU B 340 29.62 -1.63 -7.64
N LYS B 341 29.48 -2.81 -8.26
CA LYS B 341 30.62 -3.61 -8.70
C LYS B 341 30.81 -3.61 -10.22
N TYR B 342 29.74 -3.89 -10.97
CA TYR B 342 29.81 -3.91 -12.44
C TYR B 342 28.77 -3.03 -13.12
N LEU B 343 29.04 -2.76 -14.40
CA LEU B 343 28.12 -2.03 -15.28
C LEU B 343 28.16 -2.73 -16.64
N LEU B 344 27.01 -3.28 -17.06
CA LEU B 344 26.90 -3.98 -18.35
C LEU B 344 26.30 -3.08 -19.42
N LYS B 345 26.77 -3.26 -20.65
CA LYS B 345 26.16 -2.62 -21.82
C LYS B 345 25.50 -3.73 -22.63
N LEU B 346 24.20 -3.59 -22.88
CA LEU B 346 23.38 -4.65 -23.47
C LEU B 346 22.68 -4.22 -24.75
N LYS B 347 22.62 -5.13 -25.71
CA LYS B 347 21.87 -4.96 -26.95
C LYS B 347 20.50 -5.63 -26.75
N PHE B 348 19.43 -4.92 -27.11
CA PHE B 348 18.06 -5.44 -27.00
C PHE B 348 17.55 -5.82 -28.39
N ASN B 349 17.51 -7.13 -28.68
CA ASN B 349 17.01 -7.65 -29.96
C ASN B 349 15.49 -7.88 -29.89
N PHE B 350 14.72 -6.89 -30.32
CA PHE B 350 13.25 -6.96 -30.29
C PHE B 350 12.71 -7.84 -31.42
N LYS B 351 11.89 -8.83 -31.07
CA LYS B 351 11.36 -9.81 -32.04
C LYS B 351 10.01 -9.42 -32.67
N THR B 352 9.40 -8.33 -32.20
CA THR B 352 8.10 -7.87 -32.71
C THR B 352 8.30 -6.86 -33.83
OAE 7TX C . -16.21 -0.33 9.71
CBA 7TX C . -15.35 0.26 10.34
NAU 7TX C . -15.67 0.66 11.64
CAZ 7TX C . -14.74 1.33 12.42
OAD 7TX C . -15.09 1.67 13.55
CBB 7TX C . -13.48 1.60 11.88
CAK 7TX C . -12.53 2.28 12.66
CAG 7TX C . -11.26 2.56 12.15
CAH 7TX C . -10.96 2.17 10.85
CAL 7TX C . -11.89 1.48 10.08
CBC 7TX C . -13.17 1.19 10.56
NBG 7TX C . -14.11 0.51 9.82
CAR 7TX C . -13.86 0.06 8.42
CAW 7TX C . -13.21 -1.20 8.36
CAM 7TX C . -13.64 -2.29 9.13
CAI 7TX C . -12.14 -1.41 7.46
CAJ 7TX C . -11.52 -2.66 7.38
CAX 7TX C . -11.96 -3.73 8.15
FAF 7TX C . -11.36 -4.94 8.08
CAY 7TX C . -13.00 -3.53 9.05
CAV 7TX C . -13.49 -4.56 9.83
OAC 7TX C . -13.04 -4.81 10.94
NAT 7TX C . -14.51 -5.18 9.19
CBE 7TX C . -15.34 -6.30 9.65
CAS 7TX C . -15.29 -7.39 8.56
CAO 7TX C . -14.88 -6.96 10.93
CAQ 7TX C . -15.60 -8.26 10.68
NBF 7TX C . -14.99 -8.57 9.35
CAP 7TX C . -15.31 -9.84 8.69
CAN 7TX C . -16.79 -10.17 8.72
CBD 7TX C . -17.27 -10.84 7.39
CAB 7TX C . -16.78 -10.11 6.13
CAA 7TX C . -16.80 -12.33 7.38
OAE 7TX D . 14.70 1.95 -11.97
CBA 7TX D . 14.51 0.84 -11.49
NAU 7TX D . 15.48 -0.13 -11.76
CAZ 7TX D . 15.34 -1.41 -11.27
OAD 7TX D . 16.21 -2.23 -11.53
CBB 7TX D . 14.22 -1.73 -10.49
CAK 7TX D . 14.07 -3.03 -9.99
CAG 7TX D . 12.96 -3.35 -9.22
CAH 7TX D . 11.99 -2.38 -8.96
CAL 7TX D . 12.13 -1.10 -9.46
CBC 7TX D . 13.24 -0.73 -10.24
NBG 7TX D . 13.41 0.54 -10.73
CAR 7TX D . 12.44 1.62 -10.53
CAW 7TX D . 12.48 2.20 -9.26
CAM 7TX D . 13.68 2.78 -8.87
CAI 7TX D . 11.38 2.29 -8.39
CAJ 7TX D . 11.53 2.92 -7.15
CAX 7TX D . 12.76 3.50 -6.78
FAF 7TX D . 12.91 4.12 -5.56
CAY 7TX D . 13.83 3.38 -7.65
CAV 7TX D . 15.07 3.95 -7.40
OAC 7TX D . 15.94 3.40 -6.72
NAT 7TX D . 15.17 5.11 -8.11
CBE 7TX D . 16.29 6.06 -8.18
CAS 7TX D . 16.02 7.12 -7.16
CAO 7TX D . 17.68 5.52 -7.95
CAQ 7TX D . 18.32 6.83 -7.53
NBF 7TX D . 17.32 7.30 -6.54
CAP 7TX D . 17.35 8.68 -6.03
CAN 7TX D . 17.82 9.67 -7.08
CBD 7TX D . 17.40 11.06 -6.53
CAB 7TX D . 18.41 12.14 -6.95
CAA 7TX D . 15.98 11.41 -7.02
#